data_4IML
#
_entry.id   4IML
#
_cell.length_a   75.755
_cell.length_b   80.552
_cell.length_c   158.266
_cell.angle_alpha   90.00
_cell.angle_beta   90.00
_cell.angle_gamma   90.00
#
_symmetry.space_group_name_H-M   'P 21 21 21'
#
loop_
_entity.id
_entity.type
_entity.pdbx_description
1 polymer 'Crossed heavy chain (VH-Ckappa)'
2 polymer 'Crossed light chain (VL-CH1)'
3 non-polymer GLYCEROL
4 water water
#
loop_
_entity_poly.entity_id
_entity_poly.type
_entity_poly.pdbx_seq_one_letter_code
_entity_poly.pdbx_strand_id
1 'polypeptide(L)'
;QVQLVQSGAEVKKPGASVKVSCKASGYTFTGYYMHWVRQAPGQGLEWMGWINPNSGGTNYAQKFQGRVTMTRDTSISTAY
MELSRLRSDDTAVYYCARSPNPYYYDSSGYYYPGAFDIWGQGTMVTVSSASVAAPSVFIFPPSDEQLKSGTASVVCLLNN
FYPREAKVQWKVDNALQSGNSQESVTEQDSKDSTYSLSSTLTLSKADYEKHKVYACEVTHQGLSSPVTKSFNRGECGSGH
HHHHH
;
H,A
2 'polypeptide(L)'
;QPGLTQPPSVSVAPGQTARITCGGNNIGSKSVHWYQQKPGQAPVLVVYDDSDRPSGIPERFSGSNSGNTATLTISRVEAG
DEADYYCQVWDSSSDHYVFGTGTKVTVLSSASTKGPSVFPLAPSSKSTSGGTAALGCLVKDYFPEPVTVSWNSGALTSGV
HTFPAVLQSSGLYSLSSVVTVPSSSLGTQTYICNVNHKPSNTKVDKKVEPKSC
;
L,B
#
loop_
_chem_comp.id
_chem_comp.type
_chem_comp.name
_chem_comp.formula
GOL non-polymer GLYCEROL 'C3 H8 O3'
#
# COMPACT_ATOMS: atom_id res chain seq x y z
N GLN A 1 31.51 20.25 11.14
CA GLN A 1 30.47 20.55 10.15
C GLN A 1 29.37 19.50 10.16
N VAL A 2 28.14 19.96 9.95
CA VAL A 2 26.96 19.09 9.90
C VAL A 2 27.12 17.96 8.88
N GLN A 3 26.93 16.72 9.33
CA GLN A 3 27.02 15.58 8.43
C GLN A 3 26.13 14.40 8.87
N LEU A 4 25.67 13.64 7.89
CA LEU A 4 24.92 12.42 8.15
C LEU A 4 25.67 11.23 7.55
N VAL A 5 25.90 10.20 8.35
CA VAL A 5 26.67 9.04 7.90
C VAL A 5 25.87 7.76 8.03
N GLN A 6 25.56 7.12 6.91
CA GLN A 6 24.74 5.91 6.91
C GLN A 6 25.59 4.64 6.95
N SER A 7 24.96 3.54 7.34
CA SER A 7 25.62 2.24 7.40
C SER A 7 26.04 1.78 6.00
N GLY A 8 27.06 0.92 5.95
CA GLY A 8 27.59 0.43 4.69
C GLY A 8 26.57 -0.31 3.85
N ALA A 9 26.92 -0.56 2.60
CA ALA A 9 26.02 -1.26 1.67
C ALA A 9 25.68 -2.65 2.16
N GLU A 10 24.44 -3.07 1.91
CA GLU A 10 23.96 -4.37 2.38
C GLU A 10 23.31 -5.17 1.25
N VAL A 11 23.46 -6.49 1.32
CA VAL A 11 22.84 -7.39 0.36
C VAL A 11 21.91 -8.36 1.07
N LYS A 12 20.67 -8.47 0.59
CA LYS A 12 19.68 -9.32 1.23
C LYS A 12 18.97 -10.26 0.26
N LYS A 13 17.94 -10.95 0.76
CA LYS A 13 17.17 -11.90 -0.03
C LYS A 13 15.68 -11.64 0.18
N PRO A 14 14.84 -11.99 -0.80
CA PRO A 14 13.39 -11.78 -0.70
C PRO A 14 12.77 -12.45 0.52
N GLY A 15 11.95 -11.70 1.25
CA GLY A 15 11.30 -12.23 2.44
C GLY A 15 12.02 -11.81 3.72
N ALA A 16 13.31 -11.50 3.60
CA ALA A 16 14.11 -11.10 4.74
C ALA A 16 13.86 -9.63 5.10
N SER A 17 14.63 -9.13 6.06
CA SER A 17 14.46 -7.76 6.54
C SER A 17 15.80 -7.04 6.68
N VAL A 18 15.82 -5.75 6.34
CA VAL A 18 17.05 -4.97 6.40
C VAL A 18 16.95 -3.79 7.36
N LYS A 19 18.05 -3.51 8.07
CA LYS A 19 18.12 -2.36 8.97
C LYS A 19 19.20 -1.40 8.50
N VAL A 20 18.93 -0.11 8.58
CA VAL A 20 19.88 0.91 8.15
C VAL A 20 20.05 1.99 9.22
N SER A 21 21.30 2.33 9.52
CA SER A 21 21.60 3.34 10.53
C SER A 21 21.91 4.68 9.88
N CYS A 22 21.70 5.75 10.65
CA CYS A 22 22.00 7.11 10.20
C CYS A 22 22.55 7.89 11.38
N LYS A 23 23.84 8.23 11.29
CA LYS A 23 24.54 8.90 12.38
C LYS A 23 24.68 10.39 12.09
N ALA A 24 24.04 11.20 12.92
CA ALA A 24 24.06 12.65 12.75
C ALA A 24 25.21 13.29 13.51
N SER A 25 25.76 14.36 12.95
CA SER A 25 26.88 15.06 13.58
C SER A 25 26.85 16.54 13.24
N GLY A 26 27.35 17.37 14.15
CA GLY A 26 27.53 18.78 13.90
C GLY A 26 26.33 19.66 14.19
N TYR A 27 25.30 19.08 14.81
CA TYR A 27 24.09 19.83 15.14
C TYR A 27 23.28 19.15 16.23
N THR A 28 22.21 19.80 16.66
CA THR A 28 21.34 19.25 17.70
C THR A 28 20.38 18.21 17.12
N PHE A 29 20.60 16.95 17.49
CA PHE A 29 19.83 15.83 16.96
C PHE A 29 18.32 15.95 17.20
N THR A 30 17.95 16.45 18.37
CA THR A 30 16.55 16.50 18.77
C THR A 30 15.80 17.70 18.17
N GLY A 31 16.53 18.54 17.45
CA GLY A 31 15.94 19.77 16.92
C GLY A 31 15.38 19.64 15.51
N TYR A 32 15.62 18.50 14.88
CA TYR A 32 15.20 18.31 13.49
C TYR A 32 14.52 16.95 13.26
N TYR A 33 13.53 16.95 12.38
CA TYR A 33 12.91 15.71 11.93
C TYR A 33 13.87 14.93 11.03
N MET A 34 13.86 13.61 11.17
CA MET A 34 14.70 12.75 10.33
C MET A 34 13.85 11.94 9.36
N HIS A 35 14.02 12.19 8.07
CA HIS A 35 13.23 11.51 7.05
C HIS A 35 14.02 10.40 6.36
N TRP A 36 13.28 9.43 5.84
CA TRP A 36 13.83 8.39 4.99
C TRP A 36 13.13 8.44 3.64
N VAL A 37 13.96 8.43 2.59
CA VAL A 37 13.53 8.56 1.21
C VAL A 37 14.41 7.67 0.34
N ARG A 38 13.80 6.85 -0.51
CA ARG A 38 14.57 5.92 -1.33
C ARG A 38 14.44 6.19 -2.82
N GLN A 39 15.35 5.63 -3.61
CA GLN A 39 15.23 5.66 -5.07
C GLN A 39 15.75 4.39 -5.74
N ALA A 40 14.90 3.77 -6.54
CA ALA A 40 15.30 2.61 -7.34
C ALA A 40 16.26 3.08 -8.42
N PRO A 41 17.15 2.19 -8.88
CA PRO A 41 18.10 2.54 -9.94
C PRO A 41 17.40 3.05 -11.20
N GLY A 42 17.74 4.26 -11.60
CA GLY A 42 17.15 4.88 -12.77
C GLY A 42 15.72 5.33 -12.55
N GLN A 43 15.36 5.52 -11.28
CA GLN A 43 14.01 5.95 -10.93
C GLN A 43 14.05 7.30 -10.21
N GLY A 44 12.89 7.77 -9.76
CA GLY A 44 12.80 9.02 -9.04
C GLY A 44 12.90 8.85 -7.54
N LEU A 45 12.87 9.97 -6.82
CA LEU A 45 12.95 9.95 -5.37
C LEU A 45 11.58 9.74 -4.75
N GLU A 46 11.51 8.87 -3.75
CA GLU A 46 10.25 8.53 -3.11
C GLU A 46 10.33 8.63 -1.59
N TRP A 47 9.52 9.51 -1.02
CA TRP A 47 9.49 9.73 0.43
C TRP A 47 8.90 8.52 1.15
N MET A 48 9.67 7.97 2.08
CA MET A 48 9.19 6.85 2.89
C MET A 48 8.50 7.37 4.14
N GLY A 49 9.19 8.20 4.91
CA GLY A 49 8.55 8.75 6.11
C GLY A 49 9.45 9.50 7.06
N TRP A 50 8.93 9.94 8.19
CA TRP A 50 9.78 10.63 9.17
C TRP A 50 9.68 10.11 10.60
N ILE A 51 10.73 10.37 11.35
CA ILE A 51 10.73 10.17 12.80
C ILE A 51 11.17 11.46 13.47
N ASN A 52 10.54 11.78 14.60
CA ASN A 52 10.93 12.93 15.41
C ASN A 52 11.80 12.46 16.57
N PRO A 53 13.12 12.68 16.45
CA PRO A 53 14.13 12.22 17.41
C PRO A 53 13.84 12.69 18.84
N ASN A 54 13.22 13.86 18.97
CA ASN A 54 12.93 14.43 20.27
C ASN A 54 11.86 13.65 21.03
N SER A 55 10.82 13.22 20.33
CA SER A 55 9.70 12.55 20.95
C SER A 55 9.66 11.05 20.61
N GLY A 56 10.28 10.69 19.50
CA GLY A 56 10.28 9.31 19.06
C GLY A 56 9.12 9.00 18.13
N GLY A 57 8.22 9.97 18.01
CA GLY A 57 7.05 9.81 17.16
C GLY A 57 7.41 9.62 15.70
N THR A 58 6.53 8.94 14.96
CA THR A 58 6.78 8.62 13.56
C THR A 58 5.58 8.88 12.66
N ASN A 59 5.84 9.00 11.37
CA ASN A 59 4.80 9.09 10.37
C ASN A 59 5.26 8.41 9.08
N TYR A 60 4.54 7.37 8.68
CA TYR A 60 4.90 6.62 7.49
C TYR A 60 3.96 6.90 6.34
N ALA A 61 4.44 6.66 5.11
CA ALA A 61 3.59 6.78 3.94
C ALA A 61 2.68 5.56 3.85
N GLN A 62 1.57 5.70 3.12
CA GLN A 62 0.58 4.64 3.03
C GLN A 62 1.13 3.40 2.35
N LYS A 63 2.14 3.58 1.51
CA LYS A 63 2.76 2.47 0.78
C LYS A 63 3.50 1.53 1.72
N PHE A 64 4.30 2.11 2.62
CA PHE A 64 5.18 1.32 3.48
C PHE A 64 4.63 1.16 4.88
N GLN A 65 3.39 1.64 5.08
CA GLN A 65 2.76 1.71 6.40
C GLN A 65 2.97 0.50 7.32
N GLY A 66 2.87 -0.70 6.76
CA GLY A 66 2.92 -1.90 7.57
C GLY A 66 4.31 -2.50 7.75
N ARG A 67 5.18 -2.29 6.77
CA ARG A 67 6.47 -2.98 6.73
C ARG A 67 7.62 -2.24 7.43
N VAL A 68 7.54 -0.91 7.47
CA VAL A 68 8.66 -0.10 7.95
C VAL A 68 8.51 0.39 9.39
N THR A 69 9.60 0.35 10.16
CA THR A 69 9.64 0.94 11.49
C THR A 69 10.88 1.81 11.66
N MET A 70 10.68 3.07 12.03
CA MET A 70 11.79 3.99 12.25
C MET A 70 11.99 4.26 13.75
N THR A 71 13.19 3.97 14.24
CA THR A 71 13.49 4.15 15.66
C THR A 71 14.65 5.12 15.87
N ARG A 72 15.04 5.33 17.13
CA ARG A 72 16.08 6.30 17.44
C ARG A 72 16.78 6.07 18.78
N ASP A 73 18.07 6.42 18.82
CA ASP A 73 18.87 6.40 20.05
C ASP A 73 19.50 7.78 20.21
N THR A 74 19.01 8.52 21.20
CA THR A 74 19.48 9.87 21.47
C THR A 74 20.93 9.89 21.95
N SER A 75 21.28 8.89 22.76
CA SER A 75 22.63 8.78 23.33
C SER A 75 23.73 8.83 22.27
N ILE A 76 23.62 7.98 21.26
CA ILE A 76 24.61 7.94 20.18
C ILE A 76 24.19 8.83 19.01
N SER A 77 23.11 9.59 19.19
CA SER A 77 22.60 10.51 18.18
C SER A 77 22.37 9.82 16.84
N THR A 78 21.69 8.67 16.87
CA THR A 78 21.54 7.86 15.67
C THR A 78 20.09 7.46 15.42
N ALA A 79 19.65 7.58 14.16
CA ALA A 79 18.31 7.14 13.78
C ALA A 79 18.40 5.82 13.02
N TYR A 80 17.36 5.00 13.13
CA TYR A 80 17.35 3.70 12.46
C TYR A 80 16.10 3.50 11.63
N MET A 81 16.25 2.75 10.53
CA MET A 81 15.11 2.42 9.68
C MET A 81 15.12 0.93 9.35
N GLU A 82 14.03 0.25 9.69
CA GLU A 82 13.91 -1.18 9.45
C GLU A 82 12.79 -1.49 8.46
N LEU A 83 13.13 -2.24 7.42
CA LEU A 83 12.15 -2.66 6.41
C LEU A 83 12.06 -4.18 6.35
N SER A 84 10.86 -4.69 6.60
CA SER A 84 10.64 -6.14 6.63
C SER A 84 9.78 -6.60 5.45
N ARG A 85 9.67 -7.93 5.30
CA ARG A 85 8.96 -8.54 4.17
C ARG A 85 9.46 -8.01 2.83
N LEU A 86 10.78 -7.97 2.68
CA LEU A 86 11.42 -7.42 1.51
C LEU A 86 11.09 -8.18 0.23
N ARG A 87 10.84 -7.44 -0.84
CA ARG A 87 10.72 -8.02 -2.17
C ARG A 87 11.77 -7.44 -3.09
N SER A 88 11.79 -7.88 -4.34
CA SER A 88 12.84 -7.48 -5.27
C SER A 88 12.78 -6.00 -5.67
N ASP A 89 11.58 -5.48 -5.86
CA ASP A 89 11.43 -4.08 -6.27
C ASP A 89 11.70 -3.10 -5.12
N ASP A 90 12.01 -3.63 -3.95
CA ASP A 90 12.49 -2.82 -2.85
C ASP A 90 13.97 -2.53 -3.01
N THR A 91 14.56 -3.07 -4.08
CA THR A 91 15.95 -2.78 -4.41
C THR A 91 16.09 -1.32 -4.77
N ALA A 92 16.80 -0.57 -3.93
CA ALA A 92 16.95 0.87 -4.12
C ALA A 92 18.05 1.41 -3.22
N VAL A 93 18.48 2.63 -3.49
CA VAL A 93 19.37 3.34 -2.58
C VAL A 93 18.52 4.08 -1.56
N TYR A 94 18.86 3.92 -0.29
CA TYR A 94 18.09 4.54 0.79
C TYR A 94 18.85 5.71 1.41
N TYR A 95 18.25 6.90 1.29
CA TYR A 95 18.84 8.11 1.84
C TYR A 95 18.07 8.55 3.08
N CYS A 96 18.79 9.04 4.08
CA CYS A 96 18.19 9.72 5.21
C CYS A 96 18.41 11.22 5.08
N ALA A 97 17.33 11.98 5.08
CA ALA A 97 17.41 13.42 4.87
C ALA A 97 16.82 14.19 6.06
N ARG A 98 17.57 15.17 6.54
CA ARG A 98 17.14 15.99 7.67
C ARG A 98 16.19 17.10 7.21
N SER A 99 15.14 17.33 8.00
CA SER A 99 14.24 18.45 7.73
C SER A 99 13.92 19.20 9.02
N PRO A 100 14.08 20.53 9.01
CA PRO A 100 13.86 21.38 10.19
C PRO A 100 12.49 21.23 10.82
N ASN A 101 12.47 21.04 12.13
CA ASN A 101 11.23 21.08 12.90
C ASN A 101 10.69 22.50 12.85
N PRO A 102 9.43 22.66 12.45
CA PRO A 102 8.79 23.98 12.38
C PRO A 102 8.77 24.72 13.72
N TYR A 103 8.95 23.97 14.81
CA TYR A 103 8.86 24.55 16.15
C TYR A 103 10.25 24.81 16.74
N TYR A 104 11.29 24.52 15.97
CA TYR A 104 12.66 24.71 16.44
C TYR A 104 13.46 25.61 15.50
N TYR A 105 13.52 26.90 15.83
CA TYR A 105 14.32 27.84 15.07
C TYR A 105 15.77 27.77 15.54
N ASP A 106 16.70 27.67 14.60
CA ASP A 106 18.11 27.43 14.95
C ASP A 106 18.99 28.66 14.75
N SER A 107 20.17 28.61 15.36
CA SER A 107 21.15 29.69 15.26
C SER A 107 21.94 29.60 13.97
N SER A 108 21.62 28.61 13.15
CA SER A 108 22.27 28.42 11.86
C SER A 108 21.97 29.59 10.93
N GLY A 109 20.75 30.11 11.02
CA GLY A 109 20.35 31.26 10.22
C GLY A 109 19.43 30.89 9.08
N TYR A 110 19.44 29.61 8.71
CA TYR A 110 18.62 29.13 7.59
C TYR A 110 17.46 28.26 8.08
N TYR A 111 16.30 28.88 8.24
CA TYR A 111 15.10 28.19 8.69
C TYR A 111 14.35 27.63 7.49
N TYR A 112 14.51 26.34 7.23
CA TYR A 112 13.94 25.72 6.03
C TYR A 112 12.97 24.56 6.30
N PRO A 113 11.83 24.85 6.95
CA PRO A 113 10.88 23.76 7.19
C PRO A 113 10.25 23.26 5.89
N GLY A 114 9.98 21.96 5.83
CA GLY A 114 9.32 21.37 4.68
C GLY A 114 10.28 20.89 3.61
N ALA A 115 11.56 21.22 3.77
CA ALA A 115 12.58 20.83 2.81
C ALA A 115 13.65 19.96 3.46
N PHE A 116 14.28 19.11 2.66
CA PHE A 116 15.36 18.26 3.13
C PHE A 116 16.70 18.97 2.88
N ASP A 117 17.18 19.68 3.89
CA ASP A 117 18.36 20.52 3.72
C ASP A 117 19.68 19.73 3.71
N ILE A 118 19.70 18.60 4.39
CA ILE A 118 20.91 17.77 4.45
C ILE A 118 20.58 16.31 4.17
N TRP A 119 21.37 15.67 3.30
CA TRP A 119 21.15 14.28 2.93
C TRP A 119 22.35 13.41 3.32
N GLY A 120 22.10 12.14 3.58
CA GLY A 120 23.17 11.19 3.85
C GLY A 120 23.82 10.78 2.54
N GLN A 121 24.88 9.98 2.61
CA GLN A 121 25.56 9.53 1.40
C GLN A 121 24.80 8.40 0.74
N GLY A 122 23.85 7.83 1.46
CA GLY A 122 23.00 6.77 0.93
C GLY A 122 23.50 5.38 1.22
N THR A 123 22.57 4.43 1.31
CA THR A 123 22.92 3.03 1.52
C THR A 123 22.33 2.16 0.42
N MET A 124 23.18 1.40 -0.25
CA MET A 124 22.73 0.52 -1.32
C MET A 124 22.06 -0.73 -0.75
N VAL A 125 20.87 -1.04 -1.22
CA VAL A 125 20.14 -2.21 -0.76
C VAL A 125 19.64 -3.05 -1.93
N THR A 126 20.08 -4.29 -1.99
CA THR A 126 19.72 -5.19 -3.09
C THR A 126 18.90 -6.39 -2.61
N VAL A 127 17.88 -6.75 -3.39
CA VAL A 127 17.10 -7.94 -3.14
C VAL A 127 17.06 -8.78 -4.41
N SER A 128 17.65 -9.97 -4.35
CA SER A 128 17.98 -10.73 -5.56
C SER A 128 16.95 -11.75 -6.04
N SER A 129 16.85 -12.88 -5.32
CA SER A 129 16.15 -14.08 -5.78
C SER A 129 16.77 -14.61 -7.08
N ALA A 130 18.09 -14.54 -7.16
CA ALA A 130 18.79 -14.96 -8.36
C ALA A 130 20.08 -15.71 -8.03
N SER A 131 20.31 -16.81 -8.73
CA SER A 131 21.55 -17.58 -8.57
C SER A 131 22.70 -16.83 -9.20
N VAL A 132 23.91 -17.11 -8.75
CA VAL A 132 25.10 -16.51 -9.32
C VAL A 132 25.49 -17.23 -10.61
N ALA A 133 25.57 -16.47 -11.70
CA ALA A 133 25.84 -17.06 -13.02
C ALA A 133 27.04 -16.43 -13.72
N ALA A 134 27.80 -17.25 -14.41
CA ALA A 134 28.94 -16.77 -15.18
C ALA A 134 28.47 -16.08 -16.46
N PRO A 135 29.27 -15.15 -16.99
CA PRO A 135 28.90 -14.45 -18.22
C PRO A 135 29.01 -15.33 -19.45
N SER A 136 28.41 -14.86 -20.54
CA SER A 136 28.58 -15.48 -21.85
C SER A 136 29.34 -14.48 -22.71
N VAL A 137 30.64 -14.72 -22.87
CA VAL A 137 31.52 -13.74 -23.51
C VAL A 137 31.69 -13.96 -25.00
N PHE A 138 31.22 -12.99 -25.78
CA PHE A 138 31.36 -13.04 -27.23
C PHE A 138 32.22 -11.86 -27.68
N ILE A 139 32.84 -11.98 -28.84
CA ILE A 139 33.66 -10.88 -29.34
C ILE A 139 33.35 -10.56 -30.81
N PHE A 140 33.51 -9.30 -31.18
CA PHE A 140 33.22 -8.84 -32.53
C PHE A 140 34.36 -7.97 -33.06
N PRO A 141 35.00 -8.42 -34.15
CA PRO A 141 35.96 -7.60 -34.90
C PRO A 141 35.21 -6.53 -35.68
N PRO A 142 35.87 -5.40 -35.99
CA PRO A 142 35.19 -4.27 -36.63
C PRO A 142 34.71 -4.58 -38.04
N SER A 143 33.58 -3.99 -38.43
CA SER A 143 33.01 -4.19 -39.75
C SER A 143 33.85 -3.51 -40.82
N ASP A 144 33.89 -4.11 -42.01
CA ASP A 144 34.69 -3.59 -43.12
C ASP A 144 34.34 -2.15 -43.49
N GLU A 145 33.06 -1.81 -43.42
CA GLU A 145 32.61 -0.44 -43.71
C GLU A 145 33.19 0.55 -42.70
N GLN A 146 33.24 0.13 -41.44
CA GLN A 146 33.84 0.96 -40.41
C GLN A 146 35.33 1.12 -40.65
N LEU A 147 35.96 0.09 -41.23
CA LEU A 147 37.36 0.20 -41.62
C LEU A 147 37.51 1.22 -42.74
N LYS A 148 36.52 1.26 -43.63
CA LYS A 148 36.49 2.27 -44.69
C LYS A 148 36.33 3.66 -44.08
N SER A 149 35.70 3.74 -42.91
CA SER A 149 35.53 5.02 -42.22
C SER A 149 36.86 5.53 -41.64
N GLY A 150 37.80 4.62 -41.42
CA GLY A 150 39.12 4.98 -40.94
C GLY A 150 39.38 4.63 -39.48
N THR A 151 38.33 4.28 -38.76
CA THR A 151 38.45 3.89 -37.36
C THR A 151 37.95 2.46 -37.15
N ALA A 152 38.33 1.85 -36.04
CA ALA A 152 37.92 0.47 -35.75
C ALA A 152 37.43 0.32 -34.32
N SER A 153 36.36 -0.45 -34.15
CA SER A 153 35.82 -0.72 -32.82
C SER A 153 35.55 -2.21 -32.63
N VAL A 154 36.28 -2.83 -31.71
CA VAL A 154 36.03 -4.21 -31.35
C VAL A 154 35.09 -4.27 -30.14
N VAL A 155 34.18 -5.23 -30.14
CA VAL A 155 33.16 -5.28 -29.10
C VAL A 155 33.19 -6.56 -28.27
N CYS A 156 33.24 -6.41 -26.95
CA CYS A 156 33.14 -7.55 -26.03
C CYS A 156 31.77 -7.56 -25.39
N LEU A 157 31.07 -8.68 -25.51
CA LEU A 157 29.73 -8.81 -24.99
C LEU A 157 29.65 -9.87 -23.90
N LEU A 158 29.46 -9.43 -22.66
CA LEU A 158 29.27 -10.36 -21.55
C LEU A 158 27.78 -10.51 -21.29
N ASN A 159 27.24 -11.71 -21.49
CA ASN A 159 25.80 -11.89 -21.47
C ASN A 159 25.24 -12.73 -20.32
N ASN A 160 24.12 -12.28 -19.76
CA ASN A 160 23.39 -13.01 -18.74
C ASN A 160 24.21 -13.45 -17.52
N PHE A 161 24.85 -12.48 -16.87
CA PHE A 161 25.65 -12.79 -15.68
C PHE A 161 25.14 -12.13 -14.41
N TYR A 162 25.47 -12.76 -13.28
CA TYR A 162 25.13 -12.22 -11.98
C TYR A 162 26.28 -12.48 -11.02
N PRO A 163 26.67 -11.47 -10.23
CA PRO A 163 26.08 -10.13 -10.16
C PRO A 163 26.74 -9.12 -11.10
N ARG A 164 26.49 -7.83 -10.87
CA ARG A 164 27.01 -6.75 -11.71
C ARG A 164 28.52 -6.73 -11.78
N GLU A 165 29.15 -7.03 -10.65
CA GLU A 165 30.60 -6.94 -10.49
C GLU A 165 31.37 -7.79 -11.51
N ALA A 166 32.08 -7.12 -12.41
CA ALA A 166 32.86 -7.79 -13.45
C ALA A 166 34.02 -6.91 -13.90
N LYS A 167 35.10 -7.55 -14.36
CA LYS A 167 36.27 -6.82 -14.85
C LYS A 167 36.51 -7.14 -16.31
N VAL A 168 36.76 -6.11 -17.11
CA VAL A 168 37.05 -6.31 -18.53
C VAL A 168 38.38 -5.64 -18.83
N GLN A 169 39.23 -6.33 -19.57
CA GLN A 169 40.52 -5.78 -19.97
C GLN A 169 40.88 -6.21 -21.39
N TRP A 170 41.39 -5.28 -22.18
CA TRP A 170 41.68 -5.54 -23.58
C TRP A 170 43.15 -5.84 -23.83
N LYS A 171 43.41 -6.84 -24.66
CA LYS A 171 44.78 -7.24 -24.95
C LYS A 171 45.11 -7.24 -26.44
N VAL A 172 45.95 -6.30 -26.84
CA VAL A 172 46.48 -6.25 -28.19
C VAL A 172 47.95 -6.69 -28.15
N ASP A 173 48.25 -7.77 -28.86
CA ASP A 173 49.56 -8.44 -28.80
C ASP A 173 49.90 -8.82 -27.37
N ASN A 174 48.94 -9.39 -26.66
CA ASN A 174 49.12 -9.82 -25.28
C ASN A 174 49.55 -8.66 -24.37
N ALA A 175 49.01 -7.48 -24.64
CA ALA A 175 49.35 -6.29 -23.86
C ALA A 175 48.12 -5.59 -23.30
N LEU A 176 48.14 -5.33 -22.00
CA LEU A 176 47.04 -4.67 -21.30
C LEU A 176 46.79 -3.27 -21.85
N GLN A 177 45.52 -2.86 -21.87
CA GLN A 177 45.13 -1.59 -22.45
C GLN A 177 44.49 -0.66 -21.42
N SER A 178 44.78 0.63 -21.52
CA SER A 178 44.25 1.63 -20.59
C SER A 178 44.01 2.98 -21.26
N GLY A 179 42.78 3.47 -21.14
CA GLY A 179 42.45 4.80 -21.65
C GLY A 179 41.93 4.81 -23.07
N ASN A 180 41.25 3.74 -23.46
CA ASN A 180 40.69 3.65 -24.80
C ASN A 180 39.24 3.16 -24.80
N SER A 181 39.00 2.07 -24.09
CA SER A 181 37.70 1.41 -24.11
C SER A 181 36.63 2.11 -23.27
N GLN A 182 35.38 1.95 -23.67
CA GLN A 182 34.24 2.42 -22.91
C GLN A 182 33.23 1.29 -22.75
N GLU A 183 32.39 1.35 -21.72
CA GLU A 183 31.48 0.25 -21.44
C GLU A 183 30.09 0.71 -20.98
N SER A 184 29.14 -0.21 -21.01
CA SER A 184 27.80 0.05 -20.51
C SER A 184 27.10 -1.24 -20.08
N VAL A 185 26.16 -1.13 -19.15
CA VAL A 185 25.48 -2.30 -18.58
C VAL A 185 23.97 -2.15 -18.58
N THR A 186 23.24 -3.22 -18.89
CA THR A 186 21.78 -3.23 -18.81
C THR A 186 21.30 -4.25 -17.80
N GLU A 187 20.37 -3.84 -16.94
CA GLU A 187 19.73 -4.76 -16.00
C GLU A 187 18.42 -5.27 -16.58
N GLN A 188 18.35 -6.57 -16.84
CA GLN A 188 17.08 -7.23 -17.14
C GLN A 188 16.59 -7.87 -15.85
N ASP A 189 15.53 -7.27 -15.30
CA ASP A 189 14.99 -7.64 -13.98
C ASP A 189 13.81 -8.59 -14.11
N SER A 190 13.29 -8.72 -15.33
CA SER A 190 12.11 -9.54 -15.59
C SER A 190 12.24 -11.04 -15.29
N LYS A 191 13.08 -11.73 -16.05
CA LYS A 191 13.25 -13.16 -15.89
C LYS A 191 14.61 -13.43 -15.25
N ASP A 192 15.66 -13.31 -16.06
CA ASP A 192 17.02 -13.65 -15.64
C ASP A 192 17.45 -12.94 -14.36
N SER A 193 16.93 -11.73 -14.15
CA SER A 193 17.42 -10.84 -13.09
C SER A 193 18.91 -10.60 -13.25
N THR A 194 19.40 -10.57 -14.49
CA THR A 194 20.84 -10.43 -14.72
C THR A 194 21.23 -9.18 -15.49
N TYR A 195 22.53 -8.95 -15.60
CA TYR A 195 23.06 -7.75 -16.22
C TYR A 195 23.88 -8.15 -17.43
N SER A 196 23.65 -7.47 -18.55
CA SER A 196 24.49 -7.68 -19.73
C SER A 196 25.43 -6.49 -19.90
N LEU A 197 26.66 -6.76 -20.30
CA LEU A 197 27.66 -5.72 -20.44
C LEU A 197 28.23 -5.65 -21.86
N SER A 198 28.29 -4.43 -22.38
CA SER A 198 28.90 -4.17 -23.68
C SER A 198 30.11 -3.28 -23.51
N SER A 199 31.28 -3.81 -23.89
CA SER A 199 32.51 -3.04 -23.86
C SER A 199 32.98 -2.78 -25.29
N THR A 200 33.44 -1.56 -25.55
CA THR A 200 33.88 -1.19 -26.88
C THR A 200 35.30 -0.64 -26.87
N LEU A 201 36.22 -1.36 -27.47
CA LEU A 201 37.61 -0.91 -27.58
C LEU A 201 37.83 -0.29 -28.95
N THR A 202 38.18 0.99 -28.97
CA THR A 202 38.26 1.74 -30.22
C THR A 202 39.69 2.16 -30.54
N LEU A 203 40.19 1.72 -31.69
CA LEU A 203 41.50 2.13 -32.17
C LEU A 203 41.40 2.80 -33.53
N SER A 204 42.50 3.39 -33.99
CA SER A 204 42.59 3.89 -35.34
C SER A 204 42.89 2.70 -36.26
N LYS A 205 42.71 2.89 -37.56
CA LYS A 205 42.94 1.81 -38.51
C LYS A 205 44.41 1.40 -38.53
N ALA A 206 45.31 2.38 -38.48
CA ALA A 206 46.75 2.14 -38.56
C ALA A 206 47.26 1.20 -37.47
N ASP A 207 46.86 1.48 -36.24
CA ASP A 207 47.22 0.63 -35.12
C ASP A 207 46.64 -0.76 -35.31
N TYR A 208 45.42 -0.79 -35.84
CA TYR A 208 44.71 -2.05 -36.09
C TYR A 208 45.47 -2.96 -37.06
N GLU A 209 45.94 -2.41 -38.17
CA GLU A 209 46.74 -3.21 -39.11
C GLU A 209 48.11 -3.56 -38.54
N LYS A 210 48.77 -2.60 -37.90
CA LYS A 210 50.14 -2.81 -37.47
C LYS A 210 50.28 -3.76 -36.27
N HIS A 211 49.21 -3.94 -35.51
CA HIS A 211 49.29 -4.75 -34.29
C HIS A 211 49.11 -6.26 -34.44
N LYS A 212 48.17 -6.68 -35.28
CA LYS A 212 48.07 -8.08 -35.73
C LYS A 212 47.44 -9.13 -34.81
N VAL A 213 47.02 -8.77 -33.60
CA VAL A 213 46.40 -9.76 -32.70
C VAL A 213 45.54 -9.16 -31.57
N TYR A 214 44.34 -9.71 -31.37
CA TYR A 214 43.39 -9.13 -30.42
C TYR A 214 42.61 -10.13 -29.55
N ALA A 215 42.54 -9.84 -28.26
CA ALA A 215 41.80 -10.66 -27.31
C ALA A 215 41.12 -9.82 -26.23
N CYS A 216 40.00 -10.33 -25.73
CA CYS A 216 39.22 -9.67 -24.68
C CYS A 216 39.17 -10.56 -23.44
N GLU A 217 39.71 -10.06 -22.33
CA GLU A 217 39.74 -10.83 -21.08
C GLU A 217 38.71 -10.30 -20.09
N VAL A 218 38.07 -11.20 -19.36
CA VAL A 218 37.05 -10.82 -18.39
C VAL A 218 37.13 -11.68 -17.13
N THR A 219 37.12 -11.01 -15.96
CA THR A 219 37.09 -11.72 -14.67
C THR A 219 35.80 -11.46 -13.90
N HIS A 220 35.10 -12.53 -13.52
CA HIS A 220 33.81 -12.43 -12.86
C HIS A 220 33.82 -13.31 -11.63
N GLN A 221 32.83 -13.15 -10.76
CA GLN A 221 32.76 -13.96 -9.55
C GLN A 221 32.32 -15.39 -9.84
N GLY A 222 31.27 -15.52 -10.66
CA GLY A 222 30.67 -16.81 -10.94
C GLY A 222 31.49 -17.76 -11.78
N LEU A 223 32.65 -17.32 -12.23
CA LEU A 223 33.53 -18.19 -13.01
C LEU A 223 34.86 -18.44 -12.30
N SER A 224 35.38 -19.66 -12.44
CA SER A 224 36.55 -20.09 -11.68
C SER A 224 37.80 -19.31 -12.03
N SER A 225 38.11 -19.26 -13.32
CA SER A 225 39.31 -18.58 -13.81
C SER A 225 38.93 -17.62 -14.93
N PRO A 226 39.60 -16.45 -14.98
CA PRO A 226 39.37 -15.40 -15.99
C PRO A 226 39.29 -15.95 -17.41
N VAL A 227 38.18 -15.65 -18.08
CA VAL A 227 37.95 -16.13 -19.44
C VAL A 227 38.42 -15.12 -20.48
N THR A 228 39.15 -15.60 -21.49
CA THR A 228 39.62 -14.74 -22.58
C THR A 228 39.07 -15.23 -23.91
N LYS A 229 38.42 -14.34 -24.66
CA LYS A 229 37.96 -14.67 -26.00
C LYS A 229 38.81 -13.94 -27.03
N SER A 230 39.33 -14.69 -27.99
CA SER A 230 40.31 -14.16 -28.92
C SER A 230 39.82 -14.16 -30.37
N PHE A 231 40.33 -13.22 -31.18
CA PHE A 231 40.04 -13.20 -32.60
C PHE A 231 41.09 -12.40 -33.37
N ASN A 232 41.21 -12.69 -34.66
CA ASN A 232 42.17 -12.02 -35.51
C ASN A 232 41.78 -12.13 -36.98
N ARG A 233 42.47 -11.37 -37.83
CA ARG A 233 42.23 -11.42 -39.27
C ARG A 233 42.58 -12.79 -39.84
N GLY A 234 41.62 -13.38 -40.56
CA GLY A 234 41.81 -14.70 -41.13
C GLY A 234 40.70 -15.66 -40.73
N GLN B 1 -4.17 15.61 -11.93
CA GLN B 1 -2.79 16.00 -11.65
C GLN B 1 -2.42 15.65 -10.21
N PRO B 2 -2.33 14.35 -9.90
CA PRO B 2 -2.12 13.94 -8.51
C PRO B 2 -0.72 14.26 -7.98
N GLY B 3 0.30 14.04 -8.80
CA GLY B 3 1.68 14.23 -8.36
C GLY B 3 2.35 15.44 -8.97
N LEU B 4 3.69 15.45 -8.91
CA LEU B 4 4.46 16.52 -9.52
C LEU B 4 5.15 16.03 -10.79
N THR B 5 4.86 16.67 -11.92
CA THR B 5 5.38 16.23 -13.20
C THR B 5 6.42 17.17 -13.78
N GLN B 6 7.48 16.59 -14.31
CA GLN B 6 8.56 17.34 -14.94
C GLN B 6 8.90 16.70 -16.29
N PRO B 7 9.46 17.49 -17.22
CA PRO B 7 9.95 16.90 -18.47
C PRO B 7 11.09 15.92 -18.20
N PRO B 8 11.01 14.70 -18.76
CA PRO B 8 11.98 13.64 -18.52
C PRO B 8 13.43 14.04 -18.81
N SER B 9 13.62 14.92 -19.79
CA SER B 9 14.97 15.34 -20.15
C SER B 9 15.02 16.75 -20.75
N VAL B 10 16.08 17.48 -20.41
CA VAL B 10 16.32 18.81 -20.98
C VAL B 10 17.80 18.95 -21.33
N SER B 11 18.11 19.33 -22.56
CA SER B 11 19.49 19.53 -22.94
C SER B 11 19.76 20.98 -23.35
N VAL B 12 20.92 21.50 -22.99
CA VAL B 12 21.25 22.88 -23.30
C VAL B 12 22.77 23.08 -23.38
N ALA B 13 23.19 23.96 -24.28
CA ALA B 13 24.61 24.24 -24.48
C ALA B 13 25.12 25.23 -23.44
N PRO B 14 26.44 25.20 -23.17
CA PRO B 14 27.05 26.12 -22.20
C PRO B 14 26.74 27.58 -22.51
N GLY B 15 26.46 28.37 -21.47
CA GLY B 15 26.17 29.78 -21.64
C GLY B 15 24.70 30.09 -21.76
N GLN B 16 23.89 29.04 -21.98
CA GLN B 16 22.46 29.21 -22.15
C GLN B 16 21.70 29.19 -20.82
N THR B 17 20.39 29.36 -20.91
CA THR B 17 19.52 29.31 -19.75
C THR B 17 18.62 28.08 -19.82
N ALA B 18 18.59 27.29 -18.76
CA ALA B 18 17.74 26.10 -18.71
C ALA B 18 16.52 26.34 -17.83
N ARG B 19 15.33 26.07 -18.37
CA ARG B 19 14.10 26.26 -17.61
C ARG B 19 13.36 24.94 -17.41
N ILE B 20 13.36 24.45 -16.19
CA ILE B 20 12.72 23.18 -15.85
C ILE B 20 11.36 23.40 -15.22
N THR B 21 10.33 22.71 -15.72
CA THR B 21 8.96 22.93 -15.29
C THR B 21 8.49 21.88 -14.27
N CYS B 22 7.59 22.29 -13.39
CA CYS B 22 6.99 21.39 -12.40
C CYS B 22 5.48 21.60 -12.37
N GLY B 23 4.71 20.52 -12.56
CA GLY B 23 3.27 20.63 -12.60
C GLY B 23 2.57 20.10 -11.35
N GLY B 24 1.46 20.71 -10.98
CA GLY B 24 0.70 20.28 -9.82
C GLY B 24 -0.46 21.22 -9.50
N ASN B 25 -1.36 20.79 -8.62
CA ASN B 25 -2.50 21.61 -8.24
C ASN B 25 -2.16 22.68 -7.21
N ASN B 26 -2.55 23.92 -7.51
CA ASN B 26 -2.37 25.05 -6.60
C ASN B 26 -0.93 25.22 -6.13
N ILE B 27 0.00 24.98 -7.03
CA ILE B 27 1.42 25.04 -6.73
C ILE B 27 1.91 26.48 -6.57
N GLY B 28 1.30 27.40 -7.32
CA GLY B 28 1.65 28.80 -7.23
C GLY B 28 1.45 29.38 -5.84
N SER B 29 0.48 28.85 -5.11
CA SER B 29 0.23 29.29 -3.75
C SER B 29 1.01 28.44 -2.76
N LYS B 30 1.98 27.68 -3.27
CA LYS B 30 2.76 26.77 -2.45
C LYS B 30 4.24 27.10 -2.53
N SER B 31 5.00 26.60 -1.57
CA SER B 31 6.46 26.73 -1.60
C SER B 31 7.05 25.53 -2.33
N VAL B 32 7.90 25.80 -3.33
CA VAL B 32 8.45 24.74 -4.16
C VAL B 32 9.95 24.60 -3.99
N HIS B 33 10.40 23.39 -3.63
CA HIS B 33 11.81 23.14 -3.39
C HIS B 33 12.46 22.38 -4.55
N TRP B 34 13.68 22.79 -4.89
CA TRP B 34 14.43 22.18 -5.97
C TRP B 34 15.74 21.55 -5.49
N TYR B 35 15.90 20.27 -5.79
CA TYR B 35 17.09 19.51 -5.43
C TYR B 35 17.86 19.10 -6.68
N GLN B 36 19.18 19.02 -6.54
CA GLN B 36 20.07 18.59 -7.61
C GLN B 36 20.81 17.33 -7.21
N GLN B 37 20.86 16.36 -8.12
CA GLN B 37 21.59 15.12 -7.86
C GLN B 37 22.49 14.76 -9.03
N LYS B 38 23.80 14.90 -8.82
CA LYS B 38 24.80 14.48 -9.79
C LYS B 38 24.98 12.97 -9.71
N PRO B 39 25.42 12.34 -10.81
CA PRO B 39 25.59 10.87 -10.89
C PRO B 39 26.35 10.27 -9.71
N GLY B 40 25.75 9.25 -9.08
CA GLY B 40 26.39 8.53 -8.00
C GLY B 40 26.57 9.35 -6.73
N GLN B 41 25.75 10.39 -6.59
CA GLN B 41 25.82 11.23 -5.40
C GLN B 41 24.45 11.43 -4.75
N ALA B 42 24.44 12.04 -3.58
CA ALA B 42 23.20 12.35 -2.87
C ALA B 42 22.57 13.62 -3.42
N PRO B 43 21.24 13.73 -3.30
CA PRO B 43 20.58 14.98 -3.70
C PRO B 43 21.03 16.13 -2.80
N VAL B 44 21.15 17.32 -3.36
CA VAL B 44 21.42 18.51 -2.55
C VAL B 44 20.32 19.56 -2.73
N LEU B 45 19.95 20.22 -1.64
CA LEU B 45 18.91 21.25 -1.69
C LEU B 45 19.42 22.51 -2.37
N VAL B 46 18.99 22.75 -3.60
CA VAL B 46 19.48 23.89 -4.36
C VAL B 46 18.64 25.15 -4.17
N VAL B 47 17.32 25.01 -4.23
CA VAL B 47 16.45 26.17 -4.03
C VAL B 47 15.32 25.87 -3.05
N TYR B 48 15.27 26.60 -1.95
CA TYR B 48 14.18 26.43 -1.00
C TYR B 48 12.90 27.02 -1.57
N ASP B 49 12.96 28.28 -1.98
CA ASP B 49 11.84 28.97 -2.60
C ASP B 49 12.30 30.25 -3.27
N ASP B 50 11.88 30.46 -4.51
CA ASP B 50 12.27 31.64 -5.29
C ASP B 50 13.78 31.83 -5.37
N SER B 51 14.26 32.95 -4.84
CA SER B 51 15.69 33.24 -4.87
C SER B 51 16.35 32.89 -3.53
N ASP B 52 15.57 32.39 -2.59
CA ASP B 52 16.09 31.94 -1.31
C ASP B 52 16.77 30.58 -1.48
N ARG B 53 18.09 30.57 -1.34
CA ARG B 53 18.86 29.34 -1.52
C ARG B 53 19.90 29.18 -0.42
N PRO B 54 20.20 27.92 -0.05
CA PRO B 54 21.18 27.59 1.00
C PRO B 54 22.56 28.19 0.74
N SER B 55 23.40 28.14 1.77
CA SER B 55 24.76 28.67 1.70
C SER B 55 25.63 27.89 0.71
N GLY B 56 26.53 28.60 0.04
CA GLY B 56 27.48 27.98 -0.87
C GLY B 56 26.86 27.49 -2.17
N ILE B 57 25.73 28.08 -2.55
CA ILE B 57 25.03 27.69 -3.77
C ILE B 57 24.88 28.87 -4.72
N PRO B 58 25.31 28.68 -5.98
CA PRO B 58 25.40 29.71 -7.03
C PRO B 58 24.14 30.56 -7.17
N GLU B 59 24.32 31.84 -7.47
CA GLU B 59 23.21 32.75 -7.66
C GLU B 59 22.46 32.50 -8.98
N ARG B 60 23.03 31.63 -9.82
CA ARG B 60 22.45 31.32 -11.12
C ARG B 60 21.17 30.49 -11.01
N PHE B 61 21.04 29.73 -9.92
CA PHE B 61 19.85 28.92 -9.69
C PHE B 61 18.74 29.78 -9.07
N SER B 62 17.60 29.87 -9.75
CA SER B 62 16.47 30.62 -9.21
C SER B 62 15.16 29.88 -9.37
N GLY B 63 14.26 30.04 -8.41
CA GLY B 63 12.97 29.38 -8.47
C GLY B 63 11.84 30.34 -8.78
N SER B 64 10.75 29.81 -9.33
CA SER B 64 9.56 30.61 -9.60
C SER B 64 8.32 29.72 -9.61
N ASN B 65 7.14 30.33 -9.52
CA ASN B 65 5.89 29.59 -9.59
C ASN B 65 4.65 30.47 -9.74
N SER B 66 3.77 30.07 -10.65
CA SER B 66 2.49 30.72 -10.86
C SER B 66 1.42 29.66 -11.11
N GLY B 67 0.28 29.80 -10.43
CA GLY B 67 -0.84 28.90 -10.60
C GLY B 67 -0.51 27.43 -10.40
N ASN B 68 -0.49 26.68 -11.49
CA ASN B 68 -0.28 25.24 -11.44
C ASN B 68 1.13 24.84 -11.85
N THR B 69 1.96 25.83 -12.17
CA THR B 69 3.30 25.53 -12.67
C THR B 69 4.41 26.21 -11.87
N ALA B 70 5.54 25.52 -11.75
CA ALA B 70 6.73 26.08 -11.12
C ALA B 70 7.90 25.94 -12.09
N THR B 71 8.94 26.72 -11.88
CA THR B 71 10.07 26.73 -12.80
C THR B 71 11.42 26.95 -12.11
N LEU B 72 12.33 26.01 -12.33
CA LEU B 72 13.72 26.20 -11.94
C LEU B 72 14.49 26.77 -13.12
N THR B 73 14.97 27.99 -12.96
CA THR B 73 15.72 28.68 -13.99
C THR B 73 17.20 28.69 -13.65
N ILE B 74 17.99 28.06 -14.51
CA ILE B 74 19.44 28.00 -14.38
C ILE B 74 20.06 28.93 -15.42
N SER B 75 20.52 30.10 -14.96
CA SER B 75 21.11 31.10 -15.84
C SER B 75 22.56 30.77 -16.14
N ARG B 76 22.97 31.01 -17.39
CA ARG B 76 24.35 30.79 -17.82
C ARG B 76 24.86 29.40 -17.46
N VAL B 77 24.22 28.38 -18.01
CA VAL B 77 24.53 26.98 -17.71
C VAL B 77 26.00 26.63 -17.93
N GLU B 78 26.58 25.93 -16.97
CA GLU B 78 27.94 25.44 -17.09
C GLU B 78 27.95 23.91 -17.09
N ALA B 79 29.09 23.33 -17.45
CA ALA B 79 29.20 21.88 -17.55
C ALA B 79 28.94 21.18 -16.22
N GLY B 80 29.24 21.87 -15.12
CA GLY B 80 29.04 21.33 -13.79
C GLY B 80 27.59 21.24 -13.39
N ASP B 81 26.71 21.90 -14.15
CA ASP B 81 25.29 21.89 -13.85
C ASP B 81 24.61 20.61 -14.32
N GLU B 82 25.35 19.77 -15.03
CA GLU B 82 24.81 18.53 -15.58
C GLU B 82 24.47 17.52 -14.49
N ALA B 83 23.17 17.38 -14.21
CA ALA B 83 22.69 16.45 -13.18
C ALA B 83 21.19 16.26 -13.30
N ASP B 84 20.63 15.40 -12.45
CA ASP B 84 19.19 15.25 -12.38
C ASP B 84 18.62 16.31 -11.44
N TYR B 85 17.39 16.76 -11.73
CA TYR B 85 16.78 17.81 -10.92
C TYR B 85 15.36 17.42 -10.50
N TYR B 86 15.08 17.58 -9.21
CA TYR B 86 13.77 17.20 -8.67
C TYR B 86 13.09 18.37 -7.95
N CYS B 87 11.88 18.71 -8.38
CA CYS B 87 11.08 19.65 -7.62
C CYS B 87 10.41 18.89 -6.49
N GLN B 88 10.00 19.60 -5.44
CA GLN B 88 9.42 18.94 -4.27
C GLN B 88 8.50 19.87 -3.47
N VAL B 89 7.40 19.31 -2.98
CA VAL B 89 6.39 20.09 -2.28
C VAL B 89 5.94 19.36 -1.00
N TRP B 90 5.52 20.14 -0.01
CA TRP B 90 5.01 19.58 1.24
C TRP B 90 3.62 20.12 1.56
N ASP B 91 2.65 19.22 1.65
CA ASP B 91 1.30 19.60 2.07
C ASP B 91 1.18 19.45 3.58
N SER B 92 1.15 20.57 4.28
CA SER B 92 1.12 20.56 5.74
C SER B 92 -0.23 20.10 6.31
N SER B 93 -1.23 20.00 5.44
CA SER B 93 -2.55 19.56 5.85
C SER B 93 -2.56 18.06 6.16
N SER B 94 -2.01 17.28 5.24
CA SER B 94 -1.96 15.83 5.37
C SER B 94 -0.56 15.32 5.70
N ASP B 95 0.36 16.27 5.87
CA ASP B 95 1.78 15.95 6.14
C ASP B 95 2.35 15.00 5.09
N HIS B 96 2.23 15.39 3.83
CA HIS B 96 2.73 14.58 2.72
C HIS B 96 3.87 15.27 2.00
N TYR B 97 4.92 14.51 1.69
CA TYR B 97 6.06 15.02 0.94
C TYR B 97 6.05 14.42 -0.46
N VAL B 98 5.96 15.28 -1.47
CA VAL B 98 5.85 14.82 -2.85
C VAL B 98 6.99 15.34 -3.72
N PHE B 99 7.69 14.41 -4.38
CA PHE B 99 8.75 14.79 -5.31
C PHE B 99 8.22 14.86 -6.73
N GLY B 100 9.05 15.37 -7.63
CA GLY B 100 8.72 15.39 -9.04
C GLY B 100 9.22 14.14 -9.72
N THR B 101 8.77 13.91 -10.95
CA THR B 101 9.17 12.74 -11.72
C THR B 101 10.66 12.78 -12.04
N GLY B 102 11.25 13.97 -11.99
CA GLY B 102 12.66 14.14 -12.24
C GLY B 102 12.98 14.64 -13.64
N THR B 103 14.01 15.47 -13.73
CA THR B 103 14.45 15.98 -15.02
C THR B 103 15.95 15.81 -15.20
N LYS B 104 16.34 14.91 -16.10
CA LYS B 104 17.74 14.74 -16.43
C LYS B 104 18.17 15.86 -17.37
N VAL B 105 19.08 16.71 -16.91
CA VAL B 105 19.57 17.78 -17.78
C VAL B 105 21.00 17.52 -18.25
N THR B 106 21.28 17.90 -19.49
CA THR B 106 22.59 17.65 -20.08
C THR B 106 23.18 18.92 -20.67
N VAL B 107 24.50 19.05 -20.54
CA VAL B 107 25.21 20.18 -21.12
C VAL B 107 25.84 19.74 -22.45
N LEU B 108 25.36 20.36 -23.53
CA LEU B 108 25.72 19.94 -24.88
C LEU B 108 27.17 20.25 -25.25
N SER B 109 27.70 19.47 -26.18
CA SER B 109 29.04 19.70 -26.70
C SER B 109 28.99 20.78 -27.77
N SER B 110 27.77 21.25 -28.04
CA SER B 110 27.49 22.22 -29.10
C SER B 110 27.90 21.69 -30.46
N ALA B 111 27.95 20.37 -30.58
CA ALA B 111 28.25 19.73 -31.85
C ALA B 111 27.01 19.76 -32.74
N SER B 112 27.22 19.67 -34.05
CA SER B 112 26.10 19.68 -34.99
C SER B 112 25.28 18.41 -34.85
N THR B 113 23.97 18.54 -34.99
CA THR B 113 23.07 17.39 -34.97
C THR B 113 23.43 16.44 -36.11
N LYS B 114 23.79 15.21 -35.75
CA LYS B 114 24.30 14.26 -36.73
C LYS B 114 23.57 12.92 -36.72
N GLY B 115 23.25 12.43 -37.90
CA GLY B 115 22.63 11.12 -38.05
C GLY B 115 23.64 10.01 -37.79
N PRO B 116 23.15 8.88 -37.27
CA PRO B 116 24.02 7.76 -36.85
C PRO B 116 24.59 6.96 -38.01
N SER B 117 25.71 6.29 -37.75
CA SER B 117 26.31 5.38 -38.71
C SER B 117 26.26 3.98 -38.14
N VAL B 118 25.33 3.16 -38.63
CA VAL B 118 25.13 1.82 -38.08
C VAL B 118 25.91 0.74 -38.83
N PHE B 119 26.90 0.17 -38.16
CA PHE B 119 27.69 -0.91 -38.72
C PHE B 119 27.17 -2.24 -38.17
N PRO B 120 27.38 -3.34 -38.92
CA PRO B 120 26.89 -4.64 -38.45
C PRO B 120 27.84 -5.31 -37.47
N LEU B 121 27.27 -6.08 -36.54
CA LEU B 121 28.05 -6.92 -35.65
C LEU B 121 27.75 -8.37 -36.00
N ALA B 122 28.62 -8.94 -36.84
CA ALA B 122 28.38 -10.26 -37.43
C ALA B 122 28.89 -11.41 -36.57
N PRO B 123 28.07 -12.47 -36.43
CA PRO B 123 28.42 -13.67 -35.69
C PRO B 123 29.12 -14.72 -36.56
N SER B 124 30.21 -15.28 -36.04
CA SER B 124 30.86 -16.44 -36.63
C SER B 124 31.38 -17.39 -35.55
N SER B 125 32.45 -16.95 -34.89
CA SER B 125 33.07 -17.71 -33.80
C SER B 125 32.19 -17.88 -32.57
N LYS B 126 31.48 -16.82 -32.20
CA LYS B 126 30.67 -16.82 -30.99
C LYS B 126 29.54 -17.83 -31.09
N SER B 127 28.93 -17.92 -32.27
CA SER B 127 27.83 -18.83 -32.51
C SER B 127 28.21 -20.26 -32.17
N THR B 128 29.42 -20.65 -32.54
CA THR B 128 29.89 -22.03 -32.44
C THR B 128 29.96 -22.57 -31.01
N SER B 129 30.84 -22.00 -30.20
CA SER B 129 31.15 -22.54 -28.88
C SER B 129 29.98 -22.50 -27.90
N GLY B 130 29.04 -21.59 -28.11
CA GLY B 130 27.96 -21.39 -27.16
C GLY B 130 26.76 -22.30 -27.36
N GLY B 131 26.42 -22.57 -28.62
CA GLY B 131 25.17 -23.22 -28.95
C GLY B 131 24.13 -22.14 -29.11
N THR B 132 24.59 -20.91 -28.90
CA THR B 132 23.75 -19.72 -29.02
C THR B 132 24.57 -18.61 -29.67
N ALA B 133 23.98 -17.97 -30.68
CA ALA B 133 24.68 -16.97 -31.48
C ALA B 133 24.25 -15.56 -31.11
N ALA B 134 25.22 -14.68 -30.89
CA ALA B 134 24.93 -13.28 -30.61
C ALA B 134 25.27 -12.42 -31.82
N LEU B 135 24.27 -11.73 -32.37
CA LEU B 135 24.49 -10.83 -33.49
C LEU B 135 24.01 -9.43 -33.10
N GLY B 136 24.54 -8.39 -33.73
CA GLY B 136 24.18 -7.06 -33.30
C GLY B 136 24.30 -5.90 -34.27
N CYS B 137 24.07 -4.70 -33.73
CA CYS B 137 24.20 -3.45 -34.47
C CYS B 137 25.03 -2.47 -33.64
N LEU B 138 26.00 -1.85 -34.29
CA LEU B 138 26.82 -0.81 -33.68
C LEU B 138 26.45 0.55 -34.26
N VAL B 139 25.63 1.29 -33.52
CA VAL B 139 25.14 2.58 -33.95
C VAL B 139 26.10 3.67 -33.49
N LYS B 140 26.99 4.12 -34.37
CA LYS B 140 28.09 4.98 -33.96
C LYS B 140 27.96 6.45 -34.38
N ASP B 141 28.48 7.33 -33.54
CA ASP B 141 28.65 8.76 -33.86
C ASP B 141 27.37 9.50 -34.22
N TYR B 142 26.38 9.44 -33.33
CA TYR B 142 25.16 10.22 -33.52
C TYR B 142 25.00 11.28 -32.44
N PHE B 143 24.28 12.33 -32.77
CA PHE B 143 24.00 13.41 -31.82
C PHE B 143 22.77 14.18 -32.27
N PRO B 144 21.86 14.47 -31.32
CA PRO B 144 21.95 14.06 -29.91
C PRO B 144 21.18 12.78 -29.60
N GLU B 145 21.00 12.53 -28.31
CA GLU B 145 20.17 11.43 -27.81
C GLU B 145 18.73 11.83 -28.11
N PRO B 146 17.84 10.84 -28.32
CA PRO B 146 18.05 9.39 -28.33
C PRO B 146 17.89 8.75 -29.70
N VAL B 147 18.14 7.44 -29.76
CA VAL B 147 17.75 6.63 -30.91
C VAL B 147 16.91 5.45 -30.41
N THR B 148 16.02 4.98 -31.26
CA THR B 148 15.27 3.77 -30.96
C THR B 148 15.71 2.70 -31.95
N VAL B 149 16.00 1.50 -31.44
CA VAL B 149 16.46 0.44 -32.31
C VAL B 149 15.64 -0.83 -32.13
N SER B 150 14.98 -1.26 -33.20
CA SER B 150 14.23 -2.50 -33.17
C SER B 150 14.94 -3.51 -34.06
N TRP B 151 14.46 -4.75 -34.00
CA TRP B 151 15.00 -5.81 -34.85
C TRP B 151 13.86 -6.41 -35.67
N ASN B 152 14.08 -6.55 -36.97
CA ASN B 152 13.06 -7.06 -37.88
C ASN B 152 11.71 -6.36 -37.77
N SER B 153 11.76 -5.04 -37.58
CA SER B 153 10.57 -4.21 -37.44
C SER B 153 9.66 -4.64 -36.29
N GLY B 154 10.25 -5.28 -35.27
CA GLY B 154 9.50 -5.71 -34.11
C GLY B 154 9.00 -7.13 -34.19
N ALA B 155 9.57 -7.91 -35.10
CA ALA B 155 9.16 -9.30 -35.27
C ALA B 155 9.70 -10.19 -34.16
N LEU B 156 10.69 -9.69 -33.42
CA LEU B 156 11.24 -10.42 -32.29
C LEU B 156 11.65 -9.50 -31.14
N THR B 157 11.25 -9.88 -29.93
CA THR B 157 11.57 -9.13 -28.72
C THR B 157 12.26 -10.05 -27.72
N SER B 158 12.48 -11.29 -28.13
CA SER B 158 12.99 -12.36 -27.24
C SER B 158 14.39 -12.19 -26.69
N GLY B 159 15.39 -12.29 -27.57
CA GLY B 159 16.78 -12.24 -27.15
C GLY B 159 17.45 -10.87 -27.26
N VAL B 160 16.70 -9.83 -27.59
CA VAL B 160 17.28 -8.51 -27.83
C VAL B 160 17.71 -7.80 -26.54
N HIS B 161 18.97 -7.33 -26.53
CA HIS B 161 19.47 -6.48 -25.46
C HIS B 161 19.94 -5.15 -26.03
N THR B 162 19.22 -4.08 -25.75
CA THR B 162 19.61 -2.75 -26.20
C THR B 162 20.32 -2.00 -25.09
N PHE B 163 21.61 -1.76 -25.27
CA PHE B 163 22.44 -1.13 -24.26
C PHE B 163 22.26 0.39 -24.21
N PRO B 164 22.61 0.99 -23.06
CA PRO B 164 22.61 2.47 -22.99
C PRO B 164 23.73 3.03 -23.83
N ALA B 165 23.63 4.30 -24.19
CA ALA B 165 24.65 4.95 -25.00
C ALA B 165 25.83 5.42 -24.16
N VAL B 166 26.93 5.76 -24.82
CA VAL B 166 28.09 6.32 -24.15
C VAL B 166 28.53 7.60 -24.87
N LEU B 167 29.05 8.56 -24.13
CA LEU B 167 29.52 9.79 -24.74
C LEU B 167 31.00 9.69 -25.06
N GLN B 168 31.31 9.59 -26.35
CA GLN B 168 32.68 9.48 -26.81
C GLN B 168 33.47 10.75 -26.53
N SER B 169 34.77 10.71 -26.82
CA SER B 169 35.62 11.89 -26.68
C SER B 169 35.27 12.93 -27.74
N SER B 170 34.66 12.46 -28.83
CA SER B 170 34.22 13.33 -29.91
C SER B 170 32.95 14.09 -29.55
N GLY B 171 32.40 13.80 -28.38
CA GLY B 171 31.17 14.43 -27.94
C GLY B 171 29.96 13.79 -28.57
N LEU B 172 30.17 12.67 -29.26
CA LEU B 172 29.09 11.96 -29.93
C LEU B 172 28.76 10.67 -29.20
N TYR B 173 27.64 10.04 -29.56
CA TYR B 173 27.18 8.86 -28.85
C TYR B 173 27.40 7.56 -29.62
N SER B 174 27.75 6.51 -28.88
CA SER B 174 27.89 5.18 -29.44
C SER B 174 26.89 4.25 -28.76
N LEU B 175 26.25 3.39 -29.56
CA LEU B 175 25.18 2.53 -29.08
C LEU B 175 25.42 1.10 -29.55
N SER B 176 25.06 0.13 -28.72
CA SER B 176 25.16 -1.28 -29.08
C SER B 176 23.83 -1.97 -28.87
N SER B 177 23.39 -2.73 -29.86
CA SER B 177 22.15 -3.49 -29.72
C SER B 177 22.32 -4.93 -30.19
N VAL B 178 22.26 -5.88 -29.27
CA VAL B 178 22.50 -7.28 -29.59
C VAL B 178 21.26 -8.16 -29.40
N VAL B 179 21.28 -9.32 -30.04
CA VAL B 179 20.21 -10.30 -29.93
C VAL B 179 20.80 -11.71 -30.11
N THR B 180 20.25 -12.68 -29.38
CA THR B 180 20.76 -14.04 -29.42
C THR B 180 19.75 -15.05 -29.99
N VAL B 181 20.22 -15.87 -30.93
CA VAL B 181 19.38 -16.86 -31.60
C VAL B 181 20.16 -18.16 -31.85
N PRO B 182 19.46 -19.29 -32.00
CA PRO B 182 20.19 -20.53 -32.32
C PRO B 182 20.82 -20.48 -33.72
N SER B 183 21.80 -21.35 -33.95
CA SER B 183 22.50 -21.39 -35.24
C SER B 183 21.58 -21.84 -36.36
N SER B 184 20.68 -22.76 -36.04
CA SER B 184 19.71 -23.28 -36.99
C SER B 184 18.91 -22.15 -37.63
N SER B 185 18.41 -21.26 -36.78
CA SER B 185 17.66 -20.09 -37.24
C SER B 185 18.60 -19.12 -37.94
N LEU B 186 19.82 -19.03 -37.44
CA LEU B 186 20.83 -18.12 -37.97
C LEU B 186 21.12 -18.41 -39.44
N GLY B 187 21.01 -19.69 -39.81
CA GLY B 187 21.27 -20.09 -41.18
C GLY B 187 20.19 -19.69 -42.18
N THR B 188 18.93 -19.92 -41.84
CA THR B 188 17.84 -19.77 -42.80
C THR B 188 17.22 -18.37 -42.93
N GLN B 189 16.90 -17.73 -41.81
CA GLN B 189 16.16 -16.47 -41.87
C GLN B 189 17.04 -15.22 -41.85
N THR B 190 16.44 -14.09 -42.19
CA THR B 190 17.15 -12.82 -42.26
C THR B 190 17.03 -12.02 -40.97
N TYR B 191 18.08 -11.27 -40.64
CA TYR B 191 18.08 -10.42 -39.45
C TYR B 191 18.40 -8.97 -39.82
N ILE B 192 17.43 -8.09 -39.61
CA ILE B 192 17.57 -6.69 -39.96
C ILE B 192 17.51 -5.82 -38.70
N CYS B 193 18.51 -4.97 -38.52
CA CYS B 193 18.45 -3.99 -37.45
C CYS B 193 17.87 -2.67 -37.98
N ASN B 194 16.85 -2.19 -37.28
CA ASN B 194 16.14 -0.98 -37.66
C ASN B 194 16.43 0.16 -36.71
N VAL B 195 17.25 1.09 -37.16
CA VAL B 195 17.63 2.26 -36.37
C VAL B 195 16.79 3.47 -36.76
N ASN B 196 16.11 4.04 -35.77
CA ASN B 196 15.31 5.24 -35.97
C ASN B 196 15.81 6.37 -35.07
N HIS B 197 16.39 7.39 -35.68
CA HIS B 197 16.94 8.52 -34.95
C HIS B 197 16.17 9.81 -35.26
N LYS B 198 15.19 10.10 -34.43
CA LYS B 198 14.34 11.28 -34.58
C LYS B 198 15.05 12.64 -34.68
N PRO B 199 16.01 12.92 -33.77
CA PRO B 199 16.60 14.27 -33.77
C PRO B 199 17.23 14.71 -35.09
N SER B 200 17.67 13.78 -35.93
CA SER B 200 18.21 14.13 -37.24
C SER B 200 17.17 13.86 -38.32
N ASN B 201 16.03 13.32 -37.91
CA ASN B 201 14.95 12.96 -38.82
C ASN B 201 15.39 11.94 -39.87
N THR B 202 16.23 11.00 -39.45
CA THR B 202 16.71 9.95 -40.34
C THR B 202 16.42 8.57 -39.78
N LYS B 203 16.67 7.55 -40.59
CA LYS B 203 16.54 6.17 -40.17
C LYS B 203 17.27 5.23 -41.12
N VAL B 204 17.89 4.20 -40.58
CA VAL B 204 18.66 3.25 -41.37
C VAL B 204 18.21 1.82 -41.09
N ASP B 205 18.29 0.95 -42.09
CA ASP B 205 17.98 -0.46 -41.93
C ASP B 205 19.15 -1.30 -42.41
N LYS B 206 19.83 -1.98 -41.51
CA LYS B 206 21.03 -2.73 -41.88
C LYS B 206 20.87 -4.24 -41.75
N LYS B 207 21.39 -4.96 -42.74
CA LYS B 207 21.32 -6.41 -42.76
C LYS B 207 22.49 -7.06 -42.04
N VAL B 208 22.19 -7.92 -41.08
CA VAL B 208 23.21 -8.67 -40.36
C VAL B 208 23.07 -10.16 -40.67
N GLU B 209 24.13 -10.74 -41.24
CA GLU B 209 24.10 -12.11 -41.72
C GLU B 209 25.48 -12.75 -41.48
N PRO B 210 25.62 -14.06 -41.76
CA PRO B 210 26.90 -14.77 -41.69
C PRO B 210 28.11 -13.94 -42.12
N GLN C 1 -36.92 -4.22 -12.25
CA GLN C 1 -36.41 -2.92 -12.66
C GLN C 1 -34.88 -2.94 -12.66
N VAL C 2 -34.28 -1.78 -12.38
CA VAL C 2 -32.82 -1.65 -12.34
C VAL C 2 -32.23 -2.34 -11.11
N GLN C 3 -31.22 -3.18 -11.32
CA GLN C 3 -30.61 -3.92 -10.22
C GLN C 3 -29.24 -4.50 -10.58
N LEU C 4 -28.46 -4.80 -9.55
CA LEU C 4 -27.19 -5.52 -9.69
C LEU C 4 -27.25 -6.77 -8.83
N VAL C 5 -26.93 -7.93 -9.42
CA VAL C 5 -26.97 -9.19 -8.69
C VAL C 5 -25.61 -9.88 -8.67
N GLN C 6 -25.17 -10.24 -7.47
CA GLN C 6 -23.84 -10.82 -7.29
C GLN C 6 -23.87 -12.32 -7.02
N SER C 7 -22.68 -12.92 -6.99
CA SER C 7 -22.54 -14.36 -6.75
C SER C 7 -22.76 -14.70 -5.28
N GLY C 8 -22.75 -16.00 -4.97
CA GLY C 8 -22.95 -16.45 -3.61
C GLY C 8 -21.73 -16.26 -2.73
N ALA C 9 -21.88 -16.56 -1.44
CA ALA C 9 -20.79 -16.40 -0.48
C ALA C 9 -19.65 -17.38 -0.77
N GLU C 10 -18.42 -16.92 -0.58
CA GLU C 10 -17.24 -17.70 -0.89
C GLU C 10 -16.41 -17.98 0.36
N VAL C 11 -15.98 -19.23 0.50
CA VAL C 11 -15.07 -19.61 1.58
C VAL C 11 -13.72 -20.03 1.01
N LYS C 12 -12.67 -19.29 1.33
CA LYS C 12 -11.36 -19.55 0.77
C LYS C 12 -10.30 -19.74 1.85
N LYS C 13 -9.10 -20.10 1.43
CA LYS C 13 -7.95 -20.20 2.33
C LYS C 13 -6.86 -19.25 1.84
N PRO C 14 -6.05 -18.71 2.77
CA PRO C 14 -4.98 -17.77 2.46
C PRO C 14 -4.03 -18.30 1.39
N GLY C 15 -3.68 -17.43 0.43
CA GLY C 15 -2.83 -17.82 -0.68
C GLY C 15 -3.62 -18.02 -1.96
N ALA C 16 -4.91 -18.31 -1.82
CA ALA C 16 -5.77 -18.57 -2.96
C ALA C 16 -6.31 -17.27 -3.56
N SER C 17 -7.31 -17.41 -4.44
CA SER C 17 -7.95 -16.25 -5.06
C SER C 17 -9.45 -16.40 -5.07
N VAL C 18 -10.15 -15.28 -5.25
CA VAL C 18 -11.60 -15.30 -5.35
C VAL C 18 -12.07 -14.45 -6.54
N LYS C 19 -13.10 -14.93 -7.24
CA LYS C 19 -13.65 -14.18 -8.36
C LYS C 19 -15.14 -13.96 -8.17
N VAL C 20 -15.54 -12.69 -8.01
CA VAL C 20 -16.92 -12.34 -7.78
C VAL C 20 -17.55 -11.73 -9.04
N SER C 21 -18.77 -12.17 -9.35
CA SER C 21 -19.48 -11.68 -10.51
C SER C 21 -20.55 -10.65 -10.11
N CYS C 22 -20.83 -9.72 -11.02
CA CYS C 22 -21.83 -8.68 -10.79
C CYS C 22 -22.61 -8.45 -12.07
N LYS C 23 -23.84 -8.95 -12.12
CA LYS C 23 -24.67 -8.82 -13.31
C LYS C 23 -25.59 -7.60 -13.22
N ALA C 24 -25.57 -6.79 -14.27
CA ALA C 24 -26.38 -5.59 -14.33
C ALA C 24 -27.70 -5.85 -15.06
N SER C 25 -28.75 -5.18 -14.62
CA SER C 25 -30.06 -5.36 -15.24
C SER C 25 -30.89 -4.08 -15.18
N GLY C 26 -31.62 -3.79 -16.24
CA GLY C 26 -32.53 -2.67 -16.26
C GLY C 26 -31.93 -1.34 -16.71
N TYR C 27 -30.71 -1.38 -17.22
CA TYR C 27 -30.05 -0.16 -17.70
C TYR C 27 -28.93 -0.46 -18.69
N THR C 28 -28.47 0.57 -19.38
CA THR C 28 -27.37 0.43 -20.33
C THR C 28 -26.06 0.16 -19.61
N PHE C 29 -25.55 -1.06 -19.75
CA PHE C 29 -24.36 -1.52 -19.05
C PHE C 29 -23.11 -0.69 -19.35
N THR C 30 -23.03 -0.14 -20.56
CA THR C 30 -21.84 0.57 -21.00
C THR C 30 -21.85 2.06 -20.65
N GLY C 31 -22.99 2.55 -20.18
CA GLY C 31 -23.12 3.97 -19.88
C GLY C 31 -22.76 4.32 -18.46
N TYR C 32 -22.29 3.33 -17.70
CA TYR C 32 -22.00 3.53 -16.28
C TYR C 32 -20.72 2.81 -15.85
N TYR C 33 -19.89 3.50 -15.09
CA TYR C 33 -18.72 2.89 -14.45
C TYR C 33 -19.17 1.88 -13.40
N MET C 34 -18.39 0.81 -13.25
CA MET C 34 -18.67 -0.21 -12.24
C MET C 34 -17.57 -0.25 -11.19
N HIS C 35 -17.94 0.08 -9.96
CA HIS C 35 -16.98 0.13 -8.85
C HIS C 35 -17.06 -1.10 -7.95
N TRP C 36 -15.94 -1.40 -7.30
CA TRP C 36 -15.89 -2.41 -6.27
C TRP C 36 -15.43 -1.79 -4.96
N VAL C 37 -16.20 -2.05 -3.91
CA VAL C 37 -15.98 -1.49 -2.58
C VAL C 37 -16.27 -2.57 -1.53
N ARG C 38 -15.33 -2.81 -0.63
CA ARG C 38 -15.50 -3.86 0.39
C ARG C 38 -15.62 -3.29 1.79
N GLN C 39 -16.22 -4.07 2.70
CA GLN C 39 -16.23 -3.70 4.12
C GLN C 39 -16.00 -4.89 5.03
N ALA C 40 -14.99 -4.79 5.88
CA ALA C 40 -14.69 -5.80 6.88
C ALA C 40 -15.82 -5.82 7.90
N PRO C 41 -16.07 -7.00 8.52
CA PRO C 41 -17.14 -7.15 9.52
C PRO C 41 -17.09 -6.09 10.62
N GLY C 42 -18.14 -5.27 10.71
CA GLY C 42 -18.22 -4.23 11.70
C GLY C 42 -17.24 -3.10 11.46
N GLN C 43 -16.99 -2.78 10.20
CA GLN C 43 -16.09 -1.69 9.84
C GLN C 43 -16.65 -0.80 8.73
N GLY C 44 -15.85 0.17 8.29
CA GLY C 44 -16.28 1.13 7.29
C GLY C 44 -16.15 0.64 5.86
N LEU C 45 -16.62 1.46 4.93
CA LEU C 45 -16.57 1.12 3.50
C LEU C 45 -15.24 1.54 2.89
N GLU C 46 -14.68 0.66 2.06
CA GLU C 46 -13.41 0.94 1.40
C GLU C 46 -13.46 0.70 -0.10
N TRP C 47 -13.23 1.77 -0.86
CA TRP C 47 -13.26 1.72 -2.32
C TRP C 47 -12.07 0.97 -2.89
N MET C 48 -12.34 -0.16 -3.54
CA MET C 48 -11.27 -0.94 -4.17
C MET C 48 -10.91 -0.40 -5.55
N GLY C 49 -11.91 -0.15 -6.39
CA GLY C 49 -11.61 0.43 -7.68
C GLY C 49 -12.75 0.54 -8.67
N TRP C 50 -12.45 0.86 -9.93
CA TRP C 50 -13.48 0.83 -10.97
C TRP C 50 -13.03 0.24 -12.30
N ILE C 51 -14.04 -0.22 -13.06
CA ILE C 51 -13.84 -0.63 -14.44
C ILE C 51 -14.88 0.07 -15.33
N ASN C 52 -14.47 0.43 -16.53
CA ASN C 52 -15.36 1.03 -17.51
C ASN C 52 -15.83 -0.04 -18.49
N PRO C 53 -17.09 -0.47 -18.37
CA PRO C 53 -17.69 -1.51 -19.20
C PRO C 53 -17.63 -1.20 -20.69
N ASN C 54 -17.57 0.08 -21.04
CA ASN C 54 -17.54 0.48 -22.43
C ASN C 54 -16.16 0.34 -23.06
N SER C 55 -15.12 0.67 -22.29
CA SER C 55 -13.76 0.62 -22.81
C SER C 55 -13.01 -0.60 -22.30
N GLY C 56 -13.31 -1.01 -21.07
CA GLY C 56 -12.59 -2.10 -20.44
C GLY C 56 -11.48 -1.57 -19.57
N GLY C 57 -11.30 -0.26 -19.59
CA GLY C 57 -10.28 0.39 -18.78
C GLY C 57 -10.54 0.24 -17.30
N THR C 58 -9.48 0.29 -16.50
CA THR C 58 -9.60 0.10 -15.06
C THR C 58 -8.78 1.12 -14.27
N ASN C 59 -9.24 1.42 -13.07
CA ASN C 59 -8.46 2.21 -12.12
C ASN C 59 -8.55 1.59 -10.74
N TYR C 60 -7.41 1.10 -10.27
CA TYR C 60 -7.35 0.42 -8.98
C TYR C 60 -6.81 1.35 -7.91
N ALA C 61 -7.26 1.13 -6.67
CA ALA C 61 -6.69 1.84 -5.54
C ALA C 61 -5.24 1.41 -5.38
N GLN C 62 -4.42 2.30 -4.85
CA GLN C 62 -2.99 2.03 -4.66
C GLN C 62 -2.77 0.79 -3.79
N LYS C 63 -3.63 0.61 -2.80
CA LYS C 63 -3.55 -0.51 -1.87
C LYS C 63 -3.72 -1.87 -2.57
N PHE C 64 -4.69 -1.96 -3.46
CA PHE C 64 -5.01 -3.22 -4.13
C PHE C 64 -4.37 -3.34 -5.51
N GLN C 65 -3.45 -2.44 -5.82
CA GLN C 65 -2.89 -2.30 -7.17
C GLN C 65 -2.39 -3.60 -7.81
N GLY C 66 -1.73 -4.44 -7.04
CA GLY C 66 -1.09 -5.63 -7.58
C GLY C 66 -1.91 -6.91 -7.49
N ARG C 67 -2.86 -6.95 -6.56
CA ARG C 67 -3.59 -8.19 -6.29
C ARG C 67 -4.96 -8.29 -6.96
N VAL C 68 -5.51 -7.16 -7.39
CA VAL C 68 -6.86 -7.15 -7.93
C VAL C 68 -6.89 -7.05 -9.46
N THR C 69 -7.92 -7.65 -10.06
CA THR C 69 -8.12 -7.59 -11.51
C THR C 69 -9.60 -7.48 -11.83
N MET C 70 -9.98 -6.39 -12.49
CA MET C 70 -11.38 -6.16 -12.84
C MET C 70 -11.64 -6.40 -14.34
N THR C 71 -12.57 -7.29 -14.63
CA THR C 71 -12.84 -7.72 -16.00
C THR C 71 -14.30 -7.43 -16.34
N ARG C 72 -14.63 -7.35 -17.63
CA ARG C 72 -16.01 -7.15 -18.06
C ARG C 72 -16.38 -8.01 -19.28
N ASP C 73 -17.63 -8.47 -19.30
CA ASP C 73 -18.17 -9.21 -20.42
C ASP C 73 -19.44 -8.50 -20.88
N THR C 74 -19.33 -7.76 -21.99
CA THR C 74 -20.42 -6.93 -22.47
C THR C 74 -21.60 -7.73 -22.99
N SER C 75 -21.31 -8.90 -23.56
CA SER C 75 -22.34 -9.77 -24.12
C SER C 75 -23.42 -10.15 -23.10
N ILE C 76 -22.99 -10.48 -21.89
CA ILE C 76 -23.91 -10.84 -20.82
C ILE C 76 -24.09 -9.67 -19.84
N SER C 77 -23.41 -8.57 -20.13
CA SER C 77 -23.41 -7.37 -19.28
C SER C 77 -23.05 -7.70 -17.84
N THR C 78 -21.87 -8.31 -17.66
CA THR C 78 -21.44 -8.73 -16.33
C THR C 78 -20.03 -8.26 -16.01
N ALA C 79 -19.83 -7.73 -14.81
CA ALA C 79 -18.50 -7.35 -14.36
C ALA C 79 -17.92 -8.41 -13.43
N TYR C 80 -16.60 -8.44 -13.30
CA TYR C 80 -15.93 -9.42 -12.47
C TYR C 80 -14.79 -8.80 -11.68
N MET C 81 -14.67 -9.20 -10.42
CA MET C 81 -13.57 -8.75 -9.57
C MET C 81 -12.80 -9.96 -9.06
N GLU C 82 -11.52 -10.04 -9.41
CA GLU C 82 -10.68 -11.15 -9.00
C GLU C 82 -9.58 -10.69 -8.04
N LEU C 83 -9.67 -11.14 -6.80
CA LEU C 83 -8.65 -10.81 -5.80
C LEU C 83 -7.80 -12.03 -5.49
N SER C 84 -6.50 -11.94 -5.80
CA SER C 84 -5.59 -13.07 -5.65
C SER C 84 -4.65 -12.90 -4.46
N ARG C 85 -3.93 -13.96 -4.14
CA ARG C 85 -3.01 -13.99 -3.00
C ARG C 85 -3.72 -13.55 -1.71
N LEU C 86 -4.88 -14.15 -1.47
CA LEU C 86 -5.74 -13.77 -0.36
C LEU C 86 -5.05 -13.92 1.00
N ARG C 87 -5.33 -12.98 1.89
CA ARG C 87 -4.87 -13.05 3.26
C ARG C 87 -6.10 -12.96 4.16
N SER C 88 -5.92 -13.25 5.44
CA SER C 88 -7.06 -13.39 6.35
C SER C 88 -7.94 -12.14 6.55
N ASP C 89 -7.35 -10.95 6.62
CA ASP C 89 -8.21 -9.78 6.78
C ASP C 89 -8.81 -9.25 5.46
N ASP C 90 -8.55 -9.95 4.36
CA ASP C 90 -9.28 -9.69 3.12
C ASP C 90 -10.72 -10.18 3.25
N THR C 91 -11.00 -10.89 4.35
CA THR C 91 -12.35 -11.30 4.71
C THR C 91 -13.23 -10.07 4.91
N ALA C 92 -14.26 -9.95 4.08
CA ALA C 92 -15.13 -8.79 4.10
C ALA C 92 -16.35 -9.06 3.23
N VAL C 93 -17.36 -8.21 3.34
CA VAL C 93 -18.46 -8.23 2.39
C VAL C 93 -18.08 -7.35 1.21
N TYR C 94 -18.10 -7.94 0.01
CA TYR C 94 -17.67 -7.23 -1.19
C TYR C 94 -18.88 -6.77 -2.01
N TYR C 95 -19.00 -5.45 -2.15
CA TYR C 95 -20.08 -4.84 -2.91
C TYR C 95 -19.59 -4.32 -4.25
N CYS C 96 -20.44 -4.46 -5.28
CA CYS C 96 -20.23 -3.76 -6.52
C CYS C 96 -21.27 -2.65 -6.61
N ALA C 97 -20.83 -1.44 -6.92
CA ALA C 97 -21.73 -0.30 -6.97
C ALA C 97 -21.60 0.45 -8.29
N ARG C 98 -22.72 0.92 -8.81
CA ARG C 98 -22.72 1.60 -10.09
C ARG C 98 -22.51 3.11 -9.93
N SER C 99 -21.74 3.71 -10.83
CA SER C 99 -21.56 5.16 -10.82
C SER C 99 -21.70 5.72 -12.23
N PRO C 100 -22.54 6.76 -12.39
CA PRO C 100 -22.81 7.36 -13.70
C PRO C 100 -21.55 7.89 -14.38
N ASN C 101 -21.35 7.49 -15.63
CA ASN C 101 -20.31 8.09 -16.46
C ASN C 101 -20.70 9.53 -16.76
N PRO C 102 -19.80 10.48 -16.46
CA PRO C 102 -20.08 11.91 -16.66
C PRO C 102 -20.37 12.27 -18.12
N TYR C 103 -19.95 11.42 -19.04
CA TYR C 103 -20.10 11.69 -20.47
C TYR C 103 -21.37 11.06 -21.03
N TYR C 104 -22.13 10.39 -20.18
CA TYR C 104 -23.33 9.68 -20.61
C TYR C 104 -24.55 10.11 -19.81
N TYR C 105 -25.38 10.95 -20.42
CA TYR C 105 -26.60 11.40 -19.77
C TYR C 105 -27.76 10.48 -20.12
N ASP C 106 -28.25 9.74 -19.13
CA ASP C 106 -29.32 8.77 -19.34
C ASP C 106 -30.69 9.45 -19.30
N SER C 107 -31.70 8.75 -19.80
CA SER C 107 -33.06 9.28 -19.86
C SER C 107 -33.76 9.19 -18.51
N SER C 108 -33.05 8.69 -17.50
CA SER C 108 -33.60 8.49 -16.17
C SER C 108 -34.07 9.80 -15.53
N GLY C 109 -33.29 10.86 -15.70
CA GLY C 109 -33.61 12.14 -15.11
C GLY C 109 -32.77 12.41 -13.88
N TYR C 110 -32.06 11.39 -13.42
CA TYR C 110 -31.18 11.50 -12.27
C TYR C 110 -29.71 11.40 -12.70
N TYR C 111 -29.08 12.55 -12.87
CA TYR C 111 -27.68 12.61 -13.27
C TYR C 111 -26.81 12.78 -12.03
N TYR C 112 -26.27 11.66 -11.53
CA TYR C 112 -25.49 11.69 -10.28
C TYR C 112 -24.05 11.21 -10.43
N PRO C 113 -23.23 11.91 -11.21
CA PRO C 113 -21.84 11.46 -11.30
C PRO C 113 -21.07 11.71 -10.01
N GLY C 114 -20.20 10.78 -9.66
CA GLY C 114 -19.39 10.91 -8.45
C GLY C 114 -19.94 10.12 -7.29
N ALA C 115 -21.17 9.63 -7.43
CA ALA C 115 -21.82 8.87 -6.36
C ALA C 115 -22.08 7.43 -6.79
N PHE C 116 -22.55 6.62 -5.85
CA PHE C 116 -22.92 5.24 -6.14
C PHE C 116 -24.42 5.09 -5.99
N ASP C 117 -25.14 5.27 -7.08
CA ASP C 117 -26.61 5.26 -7.06
C ASP C 117 -27.20 3.87 -6.85
N ILE C 118 -26.55 2.85 -7.41
CA ILE C 118 -27.04 1.48 -7.30
C ILE C 118 -25.97 0.55 -6.75
N TRP C 119 -26.33 -0.22 -5.73
CA TRP C 119 -25.39 -1.17 -5.12
C TRP C 119 -25.89 -2.60 -5.28
N GLY C 120 -24.98 -3.55 -5.26
CA GLY C 120 -25.34 -4.95 -5.23
C GLY C 120 -25.72 -5.36 -3.82
N GLN C 121 -26.31 -6.55 -3.66
CA GLN C 121 -26.70 -7.02 -2.34
C GLN C 121 -25.48 -7.37 -1.51
N GLY C 122 -24.35 -7.59 -2.19
CA GLY C 122 -23.10 -7.90 -1.52
C GLY C 122 -22.76 -9.37 -1.56
N THR C 123 -21.47 -9.67 -1.54
CA THR C 123 -21.00 -11.05 -1.51
C THR C 123 -20.00 -11.25 -0.37
N MET C 124 -20.39 -12.05 0.61
CA MET C 124 -19.52 -12.32 1.75
C MET C 124 -18.44 -13.32 1.37
N VAL C 125 -17.17 -12.92 1.49
CA VAL C 125 -16.07 -13.84 1.29
C VAL C 125 -15.29 -14.03 2.59
N THR C 126 -14.75 -15.22 2.79
CA THR C 126 -14.08 -15.54 4.04
C THR C 126 -12.73 -16.20 3.82
N VAL C 127 -11.68 -15.56 4.35
CA VAL C 127 -10.34 -16.13 4.34
C VAL C 127 -9.98 -16.54 5.75
N SER C 128 -9.82 -17.85 5.97
CA SER C 128 -9.78 -18.40 7.33
C SER C 128 -8.43 -18.91 7.80
N SER C 129 -8.05 -20.08 7.33
CA SER C 129 -6.85 -20.82 7.78
C SER C 129 -6.93 -21.26 9.24
N ALA C 130 -8.13 -21.24 9.81
CA ALA C 130 -8.32 -21.65 11.20
C ALA C 130 -8.88 -23.06 11.29
N SER C 131 -8.30 -23.85 12.18
CA SER C 131 -8.78 -25.22 12.39
C SER C 131 -10.12 -25.20 13.10
N VAL C 132 -10.93 -26.22 12.83
CA VAL C 132 -12.22 -26.36 13.47
C VAL C 132 -12.05 -26.75 14.93
N ALA C 133 -12.45 -25.86 15.83
CA ALA C 133 -12.29 -26.08 17.26
C ALA C 133 -13.61 -26.28 17.96
N ALA C 134 -13.55 -26.58 19.26
CA ALA C 134 -14.74 -26.79 20.08
C ALA C 134 -14.76 -25.80 21.23
N PRO C 135 -15.97 -25.40 21.68
CA PRO C 135 -16.07 -24.40 22.74
C PRO C 135 -15.80 -24.95 24.14
N SER C 136 -15.13 -24.15 24.96
CA SER C 136 -15.00 -24.45 26.38
C SER C 136 -16.25 -23.92 27.08
N VAL C 137 -17.09 -24.83 27.56
CA VAL C 137 -18.38 -24.43 28.12
C VAL C 137 -18.34 -24.23 29.63
N PHE C 138 -18.98 -23.17 30.07
CA PHE C 138 -19.13 -22.89 31.50
C PHE C 138 -20.56 -22.45 31.79
N ILE C 139 -21.01 -22.64 33.03
CA ILE C 139 -22.37 -22.25 33.40
C ILE C 139 -22.42 -21.44 34.69
N PHE C 140 -23.27 -20.42 34.72
CA PHE C 140 -23.34 -19.47 35.81
C PHE C 140 -24.73 -19.36 36.42
N PRO C 141 -24.90 -19.86 37.65
CA PRO C 141 -26.13 -19.67 38.41
C PRO C 141 -26.26 -18.21 38.86
N PRO C 142 -27.49 -17.75 39.11
CA PRO C 142 -27.73 -16.37 39.54
C PRO C 142 -27.04 -16.05 40.86
N SER C 143 -26.44 -14.87 40.96
CA SER C 143 -25.85 -14.41 42.21
C SER C 143 -26.95 -14.08 43.21
N ASP C 144 -26.64 -14.18 44.49
CA ASP C 144 -27.60 -13.88 45.53
C ASP C 144 -28.00 -12.41 45.53
N GLU C 145 -27.01 -11.55 45.28
CA GLU C 145 -27.20 -10.10 45.18
C GLU C 145 -28.32 -9.76 44.20
N GLN C 146 -28.41 -10.54 43.13
CA GLN C 146 -29.44 -10.34 42.12
C GLN C 146 -30.74 -11.00 42.59
N LEU C 147 -30.61 -12.21 43.12
CA LEU C 147 -31.75 -12.99 43.59
C LEU C 147 -32.61 -12.24 44.61
N LYS C 148 -31.97 -11.35 45.37
CA LYS C 148 -32.67 -10.49 46.33
C LYS C 148 -33.71 -9.62 45.62
N SER C 149 -33.36 -9.14 44.43
CA SER C 149 -34.23 -8.25 43.68
C SER C 149 -35.51 -8.94 43.18
N GLY C 150 -35.49 -10.27 43.13
CA GLY C 150 -36.66 -11.02 42.70
C GLY C 150 -36.50 -11.57 41.29
N THR C 151 -35.49 -11.09 40.58
CA THR C 151 -35.20 -11.56 39.24
C THR C 151 -33.87 -12.32 39.25
N ALA C 152 -33.80 -13.38 38.45
CA ALA C 152 -32.61 -14.23 38.40
C ALA C 152 -32.20 -14.52 36.96
N SER C 153 -30.90 -14.59 36.72
CA SER C 153 -30.39 -14.85 35.37
C SER C 153 -29.29 -15.89 35.35
N VAL C 154 -29.41 -16.87 34.44
CA VAL C 154 -28.38 -17.90 34.31
C VAL C 154 -27.61 -17.75 33.00
N VAL C 155 -26.28 -17.86 33.07
CA VAL C 155 -25.43 -17.58 31.91
C VAL C 155 -24.74 -18.83 31.36
N CYS C 156 -24.70 -18.95 30.03
CA CYS C 156 -23.93 -20.02 29.40
C CYS C 156 -22.74 -19.40 28.65
N LEU C 157 -21.55 -19.90 28.92
CA LEU C 157 -20.34 -19.35 28.31
C LEU C 157 -19.70 -20.36 27.36
N LEU C 158 -19.83 -20.09 26.06
CA LEU C 158 -19.18 -20.93 25.06
C LEU C 158 -17.90 -20.24 24.60
N ASN C 159 -16.75 -20.77 25.01
CA ASN C 159 -15.50 -20.04 24.91
C ASN C 159 -14.51 -20.52 23.84
N ASN C 160 -13.88 -19.56 23.17
CA ASN C 160 -12.80 -19.80 22.20
C ASN C 160 -12.97 -20.89 21.15
N PHE C 161 -13.85 -20.66 20.19
CA PHE C 161 -14.13 -21.67 19.17
C PHE C 161 -14.25 -21.15 17.74
N TYR C 162 -13.93 -22.02 16.80
CA TYR C 162 -14.13 -21.77 15.37
C TYR C 162 -14.65 -23.08 14.78
N PRO C 163 -15.55 -23.01 13.79
CA PRO C 163 -16.10 -21.90 13.00
C PRO C 163 -17.01 -20.91 13.73
N ARG C 164 -17.51 -19.91 13.00
CA ARG C 164 -18.35 -18.87 13.58
C ARG C 164 -19.68 -19.48 13.99
N GLU C 165 -20.24 -20.30 13.11
CA GLU C 165 -21.59 -20.83 13.27
C GLU C 165 -21.72 -21.90 14.35
N ALA C 166 -22.73 -21.74 15.20
CA ALA C 166 -23.03 -22.68 16.27
C ALA C 166 -24.43 -22.41 16.80
N LYS C 167 -25.08 -23.42 17.34
CA LYS C 167 -26.41 -23.21 17.92
C LYS C 167 -26.42 -23.57 19.40
N VAL C 168 -27.30 -22.92 20.15
CA VAL C 168 -27.43 -23.19 21.58
C VAL C 168 -28.91 -23.15 22.00
N GLN C 169 -29.24 -23.87 23.06
CA GLN C 169 -30.60 -23.86 23.60
C GLN C 169 -30.64 -24.20 25.09
N TRP C 170 -31.44 -23.44 25.84
CA TRP C 170 -31.65 -23.68 27.26
C TRP C 170 -32.77 -24.68 27.45
N LYS C 171 -32.53 -25.67 28.30
CA LYS C 171 -33.52 -26.70 28.60
C LYS C 171 -33.81 -26.81 30.10
N VAL C 172 -35.08 -26.83 30.44
CA VAL C 172 -35.53 -26.99 31.82
C VAL C 172 -36.45 -28.21 31.99
N ASP C 173 -36.38 -28.86 33.15
CA ASP C 173 -37.13 -30.10 33.42
C ASP C 173 -36.84 -31.20 32.40
N ASN C 174 -35.77 -31.02 31.63
CA ASN C 174 -35.50 -31.76 30.39
C ASN C 174 -36.48 -31.37 29.26
N ALA C 175 -37.34 -30.41 29.54
CA ALA C 175 -38.17 -29.80 28.50
C ALA C 175 -37.38 -28.64 27.89
N LEU C 176 -38.06 -27.77 27.15
CA LEU C 176 -37.36 -26.75 26.36
C LEU C 176 -37.76 -25.32 26.72
N GLN C 177 -37.02 -24.35 26.19
CA GLN C 177 -37.25 -22.94 26.46
C GLN C 177 -37.13 -22.11 25.18
N SER C 178 -37.82 -20.97 25.15
CA SER C 178 -37.78 -20.07 23.99
C SER C 178 -38.15 -18.64 24.34
N GLY C 179 -37.61 -17.69 23.59
CA GLY C 179 -37.94 -16.28 23.75
C GLY C 179 -37.10 -15.55 24.78
N ASN C 180 -36.67 -16.26 25.82
CA ASN C 180 -35.91 -15.67 26.91
C ASN C 180 -34.40 -15.77 26.70
N SER C 181 -34.00 -16.65 25.78
CA SER C 181 -32.60 -16.84 25.47
C SER C 181 -32.00 -15.58 24.84
N GLN C 182 -31.24 -14.84 25.65
CA GLN C 182 -30.59 -13.62 25.18
C GLN C 182 -29.15 -13.92 24.78
N GLU C 183 -28.69 -13.37 23.66
CA GLU C 183 -27.44 -13.81 23.06
C GLU C 183 -26.45 -12.71 22.69
N SER C 184 -25.17 -13.00 22.87
CA SER C 184 -24.11 -12.08 22.47
C SER C 184 -22.88 -12.85 21.97
N VAL C 185 -22.23 -12.31 20.94
CA VAL C 185 -21.15 -13.01 20.25
C VAL C 185 -19.99 -12.07 19.92
N THR C 186 -18.76 -12.50 20.22
CA THR C 186 -17.57 -11.71 19.91
C THR C 186 -16.54 -12.49 19.09
N GLU C 187 -15.75 -11.75 18.31
CA GLU C 187 -14.60 -12.29 17.60
C GLU C 187 -13.31 -11.85 18.30
N GLN C 188 -12.34 -12.74 18.38
CA GLN C 188 -11.03 -12.40 18.94
C GLN C 188 -9.93 -12.41 17.87
N ASP C 189 -9.71 -11.26 17.27
CA ASP C 189 -8.82 -11.09 16.11
C ASP C 189 -7.33 -11.36 16.32
N SER C 190 -6.80 -10.91 17.46
CA SER C 190 -5.36 -10.77 17.62
C SER C 190 -4.53 -12.05 17.51
N LYS C 191 -4.98 -13.13 18.15
CA LYS C 191 -4.22 -14.38 18.09
C LYS C 191 -5.06 -15.59 17.68
N ASP C 192 -6.11 -15.86 18.44
CA ASP C 192 -6.91 -17.07 18.29
C ASP C 192 -7.66 -17.19 16.96
N SER C 193 -8.21 -16.09 16.48
CA SER C 193 -9.19 -16.15 15.40
C SER C 193 -10.40 -16.99 15.80
N THR C 194 -10.66 -17.05 17.10
CA THR C 194 -11.79 -17.79 17.64
C THR C 194 -12.81 -16.85 18.25
N TYR C 195 -13.95 -17.41 18.65
CA TYR C 195 -15.08 -16.62 19.10
C TYR C 195 -15.33 -16.74 20.60
N SER C 196 -16.27 -15.94 21.09
CA SER C 196 -16.78 -16.12 22.45
C SER C 196 -18.28 -15.84 22.47
N LEU C 197 -19.03 -16.68 23.16
CA LEU C 197 -20.48 -16.57 23.16
C LEU C 197 -21.05 -16.53 24.58
N SER C 198 -21.90 -15.53 24.82
CA SER C 198 -22.60 -15.38 26.09
C SER C 198 -24.10 -15.54 25.90
N SER C 199 -24.66 -16.53 26.59
CA SER C 199 -26.09 -16.77 26.57
C SER C 199 -26.68 -16.47 27.94
N THR C 200 -27.96 -16.09 27.96
CA THR C 200 -28.59 -15.70 29.22
C THR C 200 -30.07 -16.09 29.28
N LEU C 201 -30.49 -16.61 30.42
CA LEU C 201 -31.90 -16.85 30.68
C LEU C 201 -32.33 -16.01 31.89
N THR C 202 -33.12 -14.96 31.63
CA THR C 202 -33.57 -14.05 32.67
C THR C 202 -35.04 -14.28 33.02
N LEU C 203 -35.32 -14.42 34.31
CA LEU C 203 -36.63 -14.88 34.74
C LEU C 203 -36.90 -14.52 36.21
N SER C 204 -38.15 -14.18 36.50
CA SER C 204 -38.57 -13.88 37.88
C SER C 204 -38.32 -15.08 38.78
N LYS C 205 -38.24 -14.81 40.09
CA LYS C 205 -37.81 -15.82 41.05
C LYS C 205 -38.68 -17.07 41.15
N ALA C 206 -40.00 -16.92 41.22
CA ALA C 206 -40.91 -18.04 41.40
C ALA C 206 -40.87 -19.01 40.22
N ASP C 207 -41.01 -18.44 39.02
CA ASP C 207 -41.02 -19.21 37.79
C ASP C 207 -39.64 -19.83 37.55
N TYR C 208 -38.65 -19.37 38.32
CA TYR C 208 -37.32 -19.97 38.35
C TYR C 208 -37.27 -21.11 39.37
N GLU C 209 -38.02 -20.99 40.46
CA GLU C 209 -38.09 -22.04 41.47
C GLU C 209 -38.78 -23.28 40.92
N LYS C 210 -39.87 -23.09 40.17
CA LYS C 210 -40.69 -24.22 39.74
C LYS C 210 -39.98 -25.25 38.84
N HIS C 211 -39.16 -24.80 37.90
CA HIS C 211 -38.58 -25.73 36.92
C HIS C 211 -37.67 -26.81 37.51
N LYS C 212 -36.78 -26.42 38.42
CA LYS C 212 -35.98 -27.39 39.20
C LYS C 212 -34.80 -28.03 38.46
N VAL C 213 -34.52 -27.60 37.23
CA VAL C 213 -33.43 -28.17 36.45
C VAL C 213 -32.95 -27.18 35.38
N TYR C 214 -31.75 -27.37 34.83
CA TYR C 214 -31.31 -26.43 33.80
C TYR C 214 -30.13 -26.99 33.01
N ALA C 215 -30.06 -26.62 31.73
CA ALA C 215 -28.89 -26.98 30.93
C ALA C 215 -28.81 -26.17 29.64
N CYS C 216 -27.61 -26.09 29.07
CA CYS C 216 -27.45 -25.53 27.74
C CYS C 216 -26.88 -26.57 26.78
N GLU C 217 -27.56 -26.75 25.65
CA GLU C 217 -27.15 -27.70 24.63
C GLU C 217 -26.64 -26.95 23.41
N VAL C 218 -25.45 -27.32 22.94
CA VAL C 218 -24.80 -26.59 21.86
C VAL C 218 -24.33 -27.50 20.73
N THR C 219 -24.66 -27.13 19.50
CA THR C 219 -24.11 -27.83 18.33
C THR C 219 -23.09 -26.96 17.59
N HIS C 220 -22.02 -27.62 17.15
CA HIS C 220 -20.88 -26.95 16.53
C HIS C 220 -20.16 -27.98 15.65
N GLN C 221 -19.22 -27.53 14.83
CA GLN C 221 -18.46 -28.44 13.99
C GLN C 221 -17.29 -29.07 14.76
N GLY C 222 -17.07 -28.56 15.97
CA GLY C 222 -15.96 -29.03 16.78
C GLY C 222 -16.24 -30.32 17.54
N LEU C 223 -17.40 -30.92 17.26
CA LEU C 223 -17.77 -32.18 17.91
C LEU C 223 -18.76 -33.00 17.09
N SER C 224 -18.85 -34.29 17.40
CA SER C 224 -19.80 -35.18 16.75
C SER C 224 -21.00 -35.37 17.65
N SER C 225 -21.01 -34.67 18.78
CA SER C 225 -22.03 -34.85 19.80
C SER C 225 -22.90 -33.61 19.96
N PRO C 226 -24.08 -33.77 20.58
CA PRO C 226 -24.86 -32.60 21.02
C PRO C 226 -24.52 -32.24 22.47
N VAL C 227 -23.42 -31.52 22.66
CA VAL C 227 -22.91 -31.19 23.99
C VAL C 227 -23.94 -30.52 24.89
N THR C 228 -24.08 -31.01 26.11
CA THR C 228 -25.03 -30.48 27.08
C THR C 228 -24.36 -30.24 28.43
N LYS C 229 -24.49 -29.03 28.96
CA LYS C 229 -23.91 -28.72 30.26
C LYS C 229 -25.00 -28.24 31.22
N SER C 230 -25.05 -28.85 32.40
CA SER C 230 -26.22 -28.71 33.27
C SER C 230 -25.95 -28.04 34.62
N PHE C 231 -27.04 -27.65 35.27
CA PHE C 231 -27.01 -27.04 36.60
C PHE C 231 -28.39 -27.16 37.26
N ASN C 232 -28.40 -27.39 38.56
CA ASN C 232 -29.62 -27.36 39.36
C ASN C 232 -29.32 -26.90 40.78
N ARG C 233 -30.35 -26.79 41.61
CA ARG C 233 -30.13 -26.44 43.01
C ARG C 233 -29.49 -27.59 43.77
N GLY C 234 -28.69 -27.25 44.78
CA GLY C 234 -28.00 -28.26 45.56
C GLY C 234 -26.74 -27.71 46.20
N PRO D 2 -8.47 16.85 6.57
CA PRO D 2 -7.69 15.65 6.24
C PRO D 2 -8.54 14.39 6.25
N GLY D 3 -8.84 13.86 5.06
CA GLY D 3 -9.70 12.69 4.95
C GLY D 3 -11.12 12.99 5.36
N LEU D 4 -11.93 11.95 5.52
CA LEU D 4 -13.30 12.14 5.99
C LEU D 4 -13.53 11.54 7.36
N THR D 5 -13.89 12.40 8.32
CA THR D 5 -14.08 11.98 9.71
C THR D 5 -15.52 12.16 10.15
N GLN D 6 -16.01 11.20 10.93
CA GLN D 6 -17.38 11.25 11.44
C GLN D 6 -17.43 10.80 12.90
N PRO D 7 -18.40 11.32 13.67
CA PRO D 7 -18.61 10.85 15.03
C PRO D 7 -19.07 9.40 15.02
N PRO D 8 -18.36 8.53 15.76
CA PRO D 8 -18.64 7.08 15.80
C PRO D 8 -20.09 6.75 16.13
N SER D 9 -20.75 7.59 16.93
CA SER D 9 -22.12 7.31 17.32
C SER D 9 -22.94 8.57 17.59
N VAL D 10 -24.20 8.54 17.16
CA VAL D 10 -25.17 9.59 17.45
C VAL D 10 -26.45 8.93 17.90
N SER D 11 -27.15 9.50 18.87
CA SER D 11 -28.39 8.91 19.37
C SER D 11 -29.46 9.94 19.68
N VAL D 12 -30.70 9.69 19.21
CA VAL D 12 -31.82 10.58 19.48
C VAL D 12 -33.12 9.82 19.71
N ALA D 13 -34.04 10.45 20.44
CA ALA D 13 -35.38 9.90 20.63
C ALA D 13 -36.24 10.27 19.43
N PRO D 14 -37.27 9.47 19.13
CA PRO D 14 -38.17 9.72 18.00
C PRO D 14 -38.76 11.14 18.01
N GLY D 15 -38.75 11.79 16.86
CA GLY D 15 -39.29 13.13 16.74
C GLY D 15 -38.20 14.19 16.65
N GLN D 16 -37.06 13.91 17.26
CA GLN D 16 -35.93 14.83 17.23
C GLN D 16 -35.29 14.87 15.84
N THR D 17 -34.47 15.89 15.61
CA THR D 17 -33.68 15.95 14.38
C THR D 17 -32.25 15.54 14.69
N ALA D 18 -31.67 14.70 13.82
CA ALA D 18 -30.30 14.23 14.05
C ALA D 18 -29.35 14.84 13.03
N ARG D 19 -28.24 15.40 13.50
CA ARG D 19 -27.29 16.05 12.62
C ARG D 19 -25.92 15.36 12.66
N ILE D 20 -25.59 14.68 11.57
CA ILE D 20 -24.34 13.91 11.46
C ILE D 20 -23.29 14.70 10.70
N THR D 21 -22.08 14.76 11.24
CA THR D 21 -21.04 15.63 10.70
C THR D 21 -19.99 14.86 9.87
N CYS D 22 -19.50 15.50 8.82
CA CYS D 22 -18.42 14.97 8.01
C CYS D 22 -17.32 16.01 7.88
N GLY D 23 -16.13 15.67 8.39
CA GLY D 23 -15.02 16.60 8.37
C GLY D 23 -14.06 16.30 7.23
N GLY D 24 -13.53 17.35 6.61
CA GLY D 24 -12.60 17.21 5.51
C GLY D 24 -12.04 18.53 5.03
N ASN D 25 -10.96 18.47 4.25
CA ASN D 25 -10.31 19.68 3.75
C ASN D 25 -11.05 20.28 2.55
N ASN D 26 -11.51 21.52 2.71
CA ASN D 26 -12.23 22.25 1.67
C ASN D 26 -13.43 21.48 1.12
N ILE D 27 -14.42 21.24 1.98
CA ILE D 27 -15.58 20.45 1.60
C ILE D 27 -16.73 21.32 1.09
N GLY D 28 -16.78 22.57 1.54
CA GLY D 28 -17.81 23.50 1.14
C GLY D 28 -17.84 23.79 -0.35
N SER D 29 -16.70 23.59 -1.00
CA SER D 29 -16.58 23.79 -2.44
C SER D 29 -16.81 22.47 -3.17
N LYS D 30 -17.18 21.44 -2.42
CA LYS D 30 -17.33 20.10 -2.97
C LYS D 30 -18.76 19.60 -2.78
N SER D 31 -19.13 18.62 -3.60
CA SER D 31 -20.41 17.94 -3.44
C SER D 31 -20.23 16.72 -2.53
N VAL D 32 -21.01 16.66 -1.46
CA VAL D 32 -20.87 15.58 -0.49
C VAL D 32 -22.08 14.65 -0.53
N HIS D 33 -21.82 13.36 -0.73
CA HIS D 33 -22.88 12.38 -0.85
C HIS D 33 -23.10 11.62 0.45
N TRP D 34 -24.35 11.28 0.73
CA TRP D 34 -24.72 10.58 1.94
C TRP D 34 -25.44 9.25 1.66
N TYR D 35 -24.95 8.20 2.30
CA TYR D 35 -25.47 6.85 2.15
C TYR D 35 -25.94 6.30 3.49
N GLN D 36 -27.00 5.49 3.44
CA GLN D 36 -27.54 4.82 4.62
C GLN D 36 -27.44 3.31 4.45
N GLN D 37 -27.02 2.63 5.51
CA GLN D 37 -26.91 1.17 5.50
C GLN D 37 -27.51 0.57 6.76
N LYS D 38 -28.65 -0.09 6.61
CA LYS D 38 -29.26 -0.86 7.68
C LYS D 38 -28.35 -2.04 8.01
N PRO D 39 -28.47 -2.59 9.22
CA PRO D 39 -27.67 -3.77 9.58
C PRO D 39 -27.96 -4.97 8.66
N GLY D 40 -26.90 -5.59 8.15
CA GLY D 40 -27.04 -6.76 7.30
C GLY D 40 -27.51 -6.44 5.89
N GLN D 41 -27.65 -5.16 5.59
CA GLN D 41 -28.10 -4.73 4.26
C GLN D 41 -26.99 -4.07 3.47
N ALA D 42 -27.32 -3.69 2.24
CA ALA D 42 -26.41 -2.95 1.39
C ALA D 42 -26.66 -1.45 1.56
N PRO D 43 -25.62 -0.63 1.37
CA PRO D 43 -25.81 0.82 1.49
C PRO D 43 -26.68 1.36 0.37
N VAL D 44 -27.53 2.33 0.68
CA VAL D 44 -28.29 3.03 -0.35
C VAL D 44 -27.97 4.52 -0.29
N LEU D 45 -27.95 5.17 -1.45
CA LEU D 45 -27.68 6.60 -1.53
C LEU D 45 -28.92 7.37 -1.09
N VAL D 46 -28.84 8.04 0.06
CA VAL D 46 -29.98 8.80 0.54
C VAL D 46 -29.93 10.26 0.11
N VAL D 47 -28.74 10.84 0.02
CA VAL D 47 -28.64 12.19 -0.55
C VAL D 47 -27.45 12.35 -1.49
N TYR D 48 -27.66 13.01 -2.62
CA TYR D 48 -26.58 13.26 -3.57
C TYR D 48 -25.88 14.54 -3.19
N ASP D 49 -26.65 15.63 -3.10
CA ASP D 49 -26.12 16.92 -2.70
C ASP D 49 -27.24 17.83 -2.22
N ASP D 50 -27.07 18.39 -1.02
CA ASP D 50 -28.07 19.24 -0.38
C ASP D 50 -29.44 18.59 -0.32
N SER D 51 -30.41 19.16 -1.05
CA SER D 51 -31.77 18.64 -1.05
C SER D 51 -32.04 17.76 -2.25
N ASP D 52 -31.04 17.56 -3.10
CA ASP D 52 -31.15 16.67 -4.24
C ASP D 52 -30.94 15.24 -3.77
N ARG D 53 -31.99 14.42 -3.87
CA ARG D 53 -31.92 13.03 -3.42
C ARG D 53 -32.63 12.12 -4.43
N PRO D 54 -32.18 10.86 -4.53
CA PRO D 54 -32.75 9.88 -5.46
C PRO D 54 -34.25 9.64 -5.25
N SER D 55 -34.86 8.93 -6.18
CA SER D 55 -36.29 8.62 -6.13
C SER D 55 -36.63 7.70 -4.96
N GLY D 56 -37.72 8.02 -4.27
CA GLY D 56 -38.21 7.16 -3.19
C GLY D 56 -37.52 7.39 -1.86
N ILE D 57 -36.85 8.54 -1.72
CA ILE D 57 -36.17 8.88 -0.49
C ILE D 57 -36.94 9.99 0.23
N PRO D 58 -37.22 9.79 1.54
CA PRO D 58 -37.97 10.77 2.35
C PRO D 58 -37.37 12.16 2.29
N GLU D 59 -38.22 13.18 2.46
CA GLU D 59 -37.76 14.56 2.47
C GLU D 59 -37.06 14.91 3.78
N ARG D 60 -37.17 14.01 4.75
CA ARG D 60 -36.57 14.22 6.06
C ARG D 60 -35.04 14.20 6.01
N PHE D 61 -34.51 13.53 4.99
CA PHE D 61 -33.06 13.49 4.79
C PHE D 61 -32.58 14.66 3.95
N SER D 62 -31.80 15.55 4.56
CA SER D 62 -31.29 16.72 3.87
C SER D 62 -29.78 16.86 4.03
N GLY D 63 -29.13 17.45 3.04
CA GLY D 63 -27.69 17.64 3.10
C GLY D 63 -27.30 19.10 3.20
N SER D 64 -26.10 19.35 3.74
CA SER D 64 -25.58 20.70 3.82
C SER D 64 -24.07 20.68 3.95
N ASN D 65 -23.42 21.81 3.66
CA ASN D 65 -21.97 21.90 3.83
C ASN D 65 -21.44 23.33 3.76
N SER D 66 -20.42 23.60 4.56
CA SER D 66 -19.75 24.89 4.60
C SER D 66 -18.29 24.69 5.03
N GLY D 67 -17.38 25.37 4.33
CA GLY D 67 -15.97 25.32 4.64
C GLY D 67 -15.39 23.91 4.72
N ASN D 68 -14.95 23.52 5.90
CA ASN D 68 -14.33 22.22 6.10
C ASN D 68 -15.27 21.19 6.70
N THR D 69 -16.55 21.53 6.79
CA THR D 69 -17.51 20.62 7.42
C THR D 69 -18.79 20.44 6.60
N ALA D 70 -19.37 19.24 6.69
CA ALA D 70 -20.65 18.95 6.04
C ALA D 70 -21.58 18.30 7.06
N THR D 71 -22.88 18.38 6.81
CA THR D 71 -23.87 17.85 7.75
C THR D 71 -25.07 17.20 7.07
N LEU D 72 -25.33 15.95 7.46
CA LEU D 72 -26.56 15.27 7.10
C LEU D 72 -27.59 15.50 8.19
N THR D 73 -28.69 16.16 7.84
CA THR D 73 -29.76 16.46 8.79
C THR D 73 -30.96 15.56 8.52
N ILE D 74 -31.29 14.75 9.52
CA ILE D 74 -32.46 13.88 9.46
C ILE D 74 -33.55 14.48 10.34
N SER D 75 -34.54 15.10 9.71
CA SER D 75 -35.63 15.76 10.43
C SER D 75 -36.66 14.74 10.90
N ARG D 76 -37.26 15.00 12.07
CA ARG D 76 -38.31 14.15 12.62
C ARG D 76 -37.94 12.67 12.60
N VAL D 77 -36.87 12.33 13.30
CA VAL D 77 -36.30 10.98 13.29
C VAL D 77 -37.31 9.90 13.68
N GLU D 78 -37.34 8.82 12.91
CA GLU D 78 -38.20 7.68 13.20
C GLU D 78 -37.35 6.46 13.52
N ALA D 79 -38.01 5.43 14.05
CA ALA D 79 -37.32 4.20 14.47
C ALA D 79 -36.59 3.52 13.31
N GLY D 80 -37.18 3.61 12.12
CA GLY D 80 -36.61 2.98 10.93
C GLY D 80 -35.39 3.69 10.39
N ASP D 81 -35.08 4.85 10.94
CA ASP D 81 -33.91 5.61 10.51
C ASP D 81 -32.64 5.08 11.19
N GLU D 82 -32.82 4.11 12.07
CA GLU D 82 -31.70 3.50 12.79
C GLU D 82 -30.82 2.65 11.87
N ALA D 83 -29.64 3.18 11.53
CA ALA D 83 -28.71 2.50 10.66
C ALA D 83 -27.34 3.15 10.74
N ASP D 84 -26.39 2.63 9.95
CA ASP D 84 -25.07 3.24 9.86
C ASP D 84 -25.06 4.22 8.69
N TYR D 85 -24.51 5.41 8.91
CA TYR D 85 -24.53 6.45 7.88
C TYR D 85 -23.12 6.84 7.43
N TYR D 86 -22.91 6.88 6.12
CA TYR D 86 -21.59 7.18 5.57
C TYR D 86 -21.62 8.39 4.63
N CYS D 87 -20.73 9.35 4.87
CA CYS D 87 -20.53 10.43 3.93
C CYS D 87 -19.47 10.00 2.92
N GLN D 88 -19.46 10.62 1.75
CA GLN D 88 -18.55 10.21 0.68
C GLN D 88 -18.27 11.35 -0.30
N VAL D 89 -17.04 11.38 -0.80
CA VAL D 89 -16.58 12.44 -1.69
C VAL D 89 -15.73 11.87 -2.82
N TRP D 90 -15.90 12.39 -4.03
CA TRP D 90 -15.05 12.00 -5.16
C TRP D 90 -14.21 13.15 -5.68
N ASP D 91 -12.89 13.03 -5.52
CA ASP D 91 -11.98 14.04 -6.05
C ASP D 91 -11.71 13.76 -7.53
N SER D 92 -12.20 14.64 -8.40
CA SER D 92 -12.12 14.42 -9.83
C SER D 92 -10.70 14.59 -10.39
N SER D 93 -9.89 15.38 -9.70
CA SER D 93 -8.53 15.67 -10.16
C SER D 93 -7.62 14.45 -10.10
N SER D 94 -7.59 13.79 -8.95
CA SER D 94 -6.76 12.61 -8.77
C SER D 94 -7.56 11.32 -8.95
N ASP D 95 -8.87 11.47 -9.18
CA ASP D 95 -9.79 10.35 -9.37
C ASP D 95 -9.76 9.37 -8.20
N HIS D 96 -9.94 9.91 -6.98
CA HIS D 96 -9.97 9.10 -5.78
C HIS D 96 -11.30 9.22 -5.05
N TYR D 97 -11.84 8.09 -4.61
CA TYR D 97 -13.09 8.07 -3.87
C TYR D 97 -12.85 7.86 -2.39
N VAL D 98 -13.30 8.81 -1.57
CA VAL D 98 -13.07 8.75 -0.13
C VAL D 98 -14.39 8.61 0.62
N PHE D 99 -14.43 7.68 1.56
CA PHE D 99 -15.59 7.48 2.42
C PHE D 99 -15.36 8.06 3.81
N GLY D 100 -16.45 8.33 4.52
CA GLY D 100 -16.37 8.74 5.91
C GLY D 100 -16.14 7.52 6.77
N THR D 101 -15.70 7.73 8.01
CA THR D 101 -15.40 6.64 8.92
C THR D 101 -16.65 5.91 9.40
N GLY D 102 -17.81 6.51 9.14
CA GLY D 102 -19.08 5.89 9.49
C GLY D 102 -19.66 6.37 10.80
N THR D 103 -20.99 6.54 10.83
CA THR D 103 -21.67 6.98 12.03
C THR D 103 -22.91 6.15 12.34
N LYS D 104 -22.85 5.36 13.40
CA LYS D 104 -24.00 4.59 13.83
C LYS D 104 -24.98 5.50 14.55
N VAL D 105 -26.21 5.55 14.05
CA VAL D 105 -27.24 6.31 14.76
C VAL D 105 -28.24 5.38 15.44
N THR D 106 -28.69 5.79 16.62
CA THR D 106 -29.61 4.97 17.40
C THR D 106 -30.83 5.76 17.83
N VAL D 107 -32.00 5.19 17.56
CA VAL D 107 -33.25 5.75 18.05
C VAL D 107 -33.53 5.19 19.43
N LEU D 108 -33.58 6.07 20.42
CA LEU D 108 -33.63 5.68 21.82
C LEU D 108 -35.00 5.17 22.28
N SER D 109 -34.99 4.35 23.31
CA SER D 109 -36.20 3.77 23.88
C SER D 109 -36.93 4.78 24.75
N SER D 110 -36.37 5.98 24.86
CA SER D 110 -36.89 7.06 25.69
C SER D 110 -36.87 6.78 27.19
N ALA D 111 -36.43 5.58 27.58
CA ALA D 111 -36.22 5.25 28.98
C ALA D 111 -35.11 6.15 29.54
N SER D 112 -35.35 6.77 30.68
CA SER D 112 -34.42 7.74 31.24
C SER D 112 -33.09 7.08 31.64
N THR D 113 -32.07 7.91 31.84
CA THR D 113 -30.74 7.44 32.20
C THR D 113 -30.74 6.65 33.51
N LYS D 114 -30.24 5.42 33.45
CA LYS D 114 -30.22 4.55 34.61
C LYS D 114 -28.85 3.88 34.77
N GLY D 115 -28.32 3.92 35.99
CA GLY D 115 -27.05 3.28 36.28
C GLY D 115 -27.16 1.77 36.22
N PRO D 116 -26.01 1.09 36.08
CA PRO D 116 -26.00 -0.36 35.93
C PRO D 116 -25.98 -1.10 37.27
N SER D 117 -26.64 -2.26 37.30
CA SER D 117 -26.62 -3.14 38.46
C SER D 117 -25.64 -4.28 38.17
N VAL D 118 -24.45 -4.19 38.77
CA VAL D 118 -23.44 -5.22 38.53
C VAL D 118 -23.54 -6.35 39.54
N PHE D 119 -23.53 -7.58 39.04
CA PHE D 119 -23.67 -8.78 39.87
C PHE D 119 -22.57 -9.76 39.50
N PRO D 120 -22.03 -10.48 40.49
CA PRO D 120 -20.89 -11.37 40.25
C PRO D 120 -21.27 -12.65 39.53
N LEU D 121 -20.42 -13.05 38.59
CA LEU D 121 -20.51 -14.35 37.95
C LEU D 121 -19.43 -15.24 38.56
N ALA D 122 -19.80 -15.93 39.63
CA ALA D 122 -18.83 -16.62 40.49
C ALA D 122 -18.49 -18.03 40.05
N PRO D 123 -17.19 -18.38 40.14
CA PRO D 123 -16.68 -19.71 39.81
C PRO D 123 -16.90 -20.74 40.91
N SER D 124 -17.44 -21.91 40.54
CA SER D 124 -17.51 -23.04 41.47
C SER D 124 -17.27 -24.37 40.77
N SER D 125 -18.27 -24.80 40.00
CA SER D 125 -18.23 -26.06 39.26
C SER D 125 -17.17 -26.10 38.15
N LYS D 126 -17.03 -24.99 37.44
CA LYS D 126 -16.22 -24.96 36.22
C LYS D 126 -14.75 -25.25 36.43
N SER D 127 -14.18 -24.70 37.50
CA SER D 127 -12.75 -24.83 37.74
C SER D 127 -12.29 -26.28 37.93
N THR D 128 -13.06 -27.06 38.68
CA THR D 128 -12.67 -28.44 38.94
C THR D 128 -12.64 -29.31 37.69
N SER D 129 -13.65 -29.18 36.84
CA SER D 129 -13.72 -29.95 35.61
C SER D 129 -13.30 -29.14 34.38
N GLY D 130 -12.98 -27.87 34.60
CA GLY D 130 -12.67 -26.96 33.50
C GLY D 130 -11.20 -26.87 33.13
N GLY D 131 -10.35 -27.59 33.85
CA GLY D 131 -8.92 -27.45 33.65
C GLY D 131 -8.43 -26.09 34.11
N THR D 132 -9.38 -25.15 34.20
CA THR D 132 -9.14 -23.80 34.67
C THR D 132 -10.50 -23.18 34.97
N ALA D 133 -10.49 -22.05 35.68
CA ALA D 133 -11.75 -21.42 36.07
C ALA D 133 -12.01 -20.12 35.29
N ALA D 134 -13.26 -19.93 34.88
CA ALA D 134 -13.66 -18.72 34.18
C ALA D 134 -14.68 -17.94 35.01
N LEU D 135 -14.28 -16.77 35.48
CA LEU D 135 -15.18 -15.95 36.32
C LEU D 135 -15.61 -14.70 35.58
N GLY D 136 -16.56 -13.95 36.14
CA GLY D 136 -17.05 -12.77 35.45
C GLY D 136 -17.90 -11.77 36.20
N CYS D 137 -18.42 -10.82 35.43
CA CYS D 137 -19.35 -9.81 35.92
C CYS D 137 -20.52 -9.67 34.95
N LEU D 138 -21.72 -9.69 35.51
CA LEU D 138 -22.94 -9.44 34.74
C LEU D 138 -23.45 -8.03 35.07
N VAL D 139 -23.29 -7.12 34.12
CA VAL D 139 -23.66 -5.73 34.30
C VAL D 139 -25.03 -5.50 33.69
N LYS D 140 -26.06 -5.46 34.53
CA LYS D 140 -27.44 -5.54 34.05
C LYS D 140 -28.26 -4.25 34.22
N ASP D 141 -29.10 -3.98 33.21
CA ASP D 141 -30.09 -2.90 33.27
C ASP D 141 -29.50 -1.50 33.40
N TYR D 142 -28.85 -1.03 32.35
CA TYR D 142 -28.36 0.34 32.30
C TYR D 142 -28.79 1.03 31.02
N PHE D 143 -28.73 2.36 31.01
CA PHE D 143 -29.07 3.15 29.83
C PHE D 143 -28.51 4.55 29.95
N PRO D 144 -27.90 5.05 28.87
CA PRO D 144 -27.66 4.31 27.64
C PRO D 144 -26.28 3.65 27.64
N GLU D 145 -25.78 3.37 26.45
CA GLU D 145 -24.43 2.86 26.29
C GLU D 145 -23.44 4.03 26.26
N PRO D 146 -22.14 3.76 26.49
CA PRO D 146 -21.50 2.47 26.80
C PRO D 146 -21.12 2.30 28.26
N VAL D 147 -20.66 1.11 28.60
CA VAL D 147 -20.07 0.85 29.90
C VAL D 147 -18.64 0.31 29.74
N THR D 148 -17.72 0.87 30.51
CA THR D 148 -16.34 0.40 30.51
C THR D 148 -16.17 -0.60 31.65
N VAL D 149 -15.54 -1.74 31.38
CA VAL D 149 -15.30 -2.72 32.42
C VAL D 149 -13.88 -3.25 32.38
N SER D 150 -13.12 -2.97 33.43
CA SER D 150 -11.77 -3.50 33.57
C SER D 150 -11.74 -4.50 34.71
N TRP D 151 -10.62 -5.21 34.85
CA TRP D 151 -10.48 -6.21 35.89
C TRP D 151 -9.29 -5.90 36.80
N ASN D 152 -9.56 -5.78 38.10
CA ASN D 152 -8.55 -5.41 39.08
C ASN D 152 -7.82 -4.13 38.70
N SER D 153 -8.59 -3.07 38.44
CA SER D 153 -8.06 -1.78 38.04
C SER D 153 -7.23 -1.88 36.76
N GLY D 154 -7.62 -2.78 35.87
CA GLY D 154 -6.95 -2.97 34.60
C GLY D 154 -5.57 -3.61 34.75
N ALA D 155 -5.34 -4.30 35.85
CA ALA D 155 -4.06 -4.95 36.10
C ALA D 155 -3.84 -6.13 35.15
N LEU D 156 -4.89 -6.91 34.92
CA LEU D 156 -4.80 -8.06 34.04
C LEU D 156 -5.48 -7.79 32.70
N THR D 157 -5.05 -8.52 31.67
CA THR D 157 -5.57 -8.32 30.32
C THR D 157 -5.94 -9.64 29.64
N SER D 158 -5.09 -10.64 29.87
CA SER D 158 -5.11 -11.92 29.14
C SER D 158 -6.37 -12.71 28.84
N GLY D 159 -7.10 -13.08 29.89
CA GLY D 159 -8.22 -13.99 29.77
C GLY D 159 -9.51 -13.23 29.53
N VAL D 160 -9.45 -11.90 29.59
CA VAL D 160 -10.64 -11.06 29.50
C VAL D 160 -11.41 -11.18 28.18
N HIS D 161 -12.69 -11.51 28.29
CA HIS D 161 -13.61 -11.43 27.15
C HIS D 161 -14.83 -10.60 27.54
N THR D 162 -14.84 -9.34 27.10
CA THR D 162 -16.00 -8.49 27.33
C THR D 162 -16.90 -8.53 26.10
N PHE D 163 -18.13 -8.99 26.30
CA PHE D 163 -19.07 -9.21 25.21
C PHE D 163 -19.78 -7.93 24.81
N PRO D 164 -20.26 -7.87 23.56
CA PRO D 164 -21.11 -6.74 23.14
C PRO D 164 -22.40 -6.76 23.95
N ALA D 165 -22.87 -5.60 24.35
CA ALA D 165 -24.10 -5.51 25.14
C ALA D 165 -25.30 -5.91 24.30
N VAL D 166 -26.34 -6.38 24.96
CA VAL D 166 -27.57 -6.75 24.27
C VAL D 166 -28.71 -5.90 24.79
N LEU D 167 -29.54 -5.40 23.89
CA LEU D 167 -30.68 -4.58 24.28
C LEU D 167 -31.83 -5.47 24.71
N GLN D 168 -32.11 -5.48 26.01
CA GLN D 168 -33.17 -6.29 26.57
C GLN D 168 -34.52 -5.72 26.16
N SER D 169 -35.58 -6.54 26.28
CA SER D 169 -36.92 -6.10 25.96
C SER D 169 -37.40 -5.04 26.96
N SER D 170 -36.71 -4.96 28.09
CA SER D 170 -37.03 -3.99 29.13
C SER D 170 -36.55 -2.58 28.78
N GLY D 171 -35.97 -2.43 27.60
CA GLY D 171 -35.51 -1.13 27.14
C GLY D 171 -34.09 -0.80 27.57
N LEU D 172 -33.62 -1.47 28.62
CA LEU D 172 -32.27 -1.24 29.12
C LEU D 172 -31.29 -2.23 28.51
N TYR D 173 -30.01 -2.10 28.86
CA TYR D 173 -28.96 -2.94 28.29
C TYR D 173 -28.44 -3.98 29.28
N SER D 174 -27.97 -5.10 28.75
CA SER D 174 -27.32 -6.13 29.55
C SER D 174 -25.93 -6.44 28.99
N LEU D 175 -24.96 -6.57 29.89
CA LEU D 175 -23.55 -6.71 29.51
C LEU D 175 -22.93 -7.89 30.25
N SER D 176 -22.02 -8.59 29.59
CA SER D 176 -21.32 -9.70 30.22
C SER D 176 -19.82 -9.58 30.01
N SER D 177 -19.05 -9.70 31.09
CA SER D 177 -17.59 -9.67 31.00
C SER D 177 -17.01 -10.90 31.68
N VAL D 178 -16.12 -11.62 31.00
CA VAL D 178 -15.51 -12.81 31.60
C VAL D 178 -13.98 -12.82 31.53
N VAL D 179 -13.37 -13.68 32.34
CA VAL D 179 -11.92 -13.86 32.34
C VAL D 179 -11.55 -15.29 32.74
N THR D 180 -10.54 -15.84 32.05
CA THR D 180 -10.08 -17.20 32.31
C THR D 180 -8.78 -17.18 33.13
N VAL D 181 -8.77 -17.96 34.20
CA VAL D 181 -7.71 -17.92 35.21
C VAL D 181 -7.55 -19.30 35.86
N PRO D 182 -6.29 -19.76 36.06
CA PRO D 182 -6.03 -21.01 36.76
C PRO D 182 -6.46 -20.98 38.22
N SER D 183 -6.90 -22.11 38.75
CA SER D 183 -7.39 -22.19 40.13
C SER D 183 -6.26 -22.08 41.15
N SER D 184 -5.11 -22.66 40.81
CA SER D 184 -3.93 -22.61 41.66
C SER D 184 -3.55 -21.16 41.95
N SER D 185 -3.76 -20.30 40.95
CA SER D 185 -3.53 -18.87 41.12
C SER D 185 -4.75 -18.19 41.73
N LEU D 186 -5.92 -18.77 41.49
CA LEU D 186 -7.18 -18.24 42.02
C LEU D 186 -7.17 -18.17 43.54
N GLY D 187 -6.83 -19.30 44.16
CA GLY D 187 -6.89 -19.44 45.61
C GLY D 187 -6.35 -18.27 46.43
N THR D 188 -5.23 -17.71 45.98
CA THR D 188 -4.57 -16.64 46.72
C THR D 188 -4.84 -15.26 46.13
N GLN D 189 -5.48 -15.22 44.97
CA GLN D 189 -5.64 -13.96 44.25
C GLN D 189 -7.05 -13.37 44.35
N THR D 190 -7.10 -12.05 44.52
CA THR D 190 -8.36 -11.30 44.56
C THR D 190 -8.82 -10.98 43.14
N TYR D 191 -10.11 -11.14 42.88
CA TYR D 191 -10.67 -10.86 41.57
C TYR D 191 -11.86 -9.90 41.63
N ILE D 192 -11.62 -8.65 41.25
CA ILE D 192 -12.65 -7.64 41.28
C ILE D 192 -12.87 -7.04 39.90
N CYS D 193 -14.11 -6.63 39.61
CA CYS D 193 -14.40 -5.96 38.36
C CYS D 193 -14.69 -4.48 38.60
N ASN D 194 -13.98 -3.64 37.85
CA ASN D 194 -14.16 -2.20 37.91
C ASN D 194 -15.07 -1.74 36.78
N VAL D 195 -16.21 -1.17 37.14
CA VAL D 195 -17.20 -0.74 36.15
C VAL D 195 -17.39 0.77 36.13
N ASN D 196 -17.23 1.37 34.96
CA ASN D 196 -17.53 2.78 34.75
C ASN D 196 -18.72 2.96 33.83
N HIS D 197 -19.70 3.75 34.26
CA HIS D 197 -20.81 4.10 33.39
C HIS D 197 -20.94 5.60 33.27
N LYS D 198 -20.18 6.17 32.34
CA LYS D 198 -20.15 7.60 32.11
C LYS D 198 -21.50 8.30 31.91
N PRO D 199 -22.43 7.67 31.14
CA PRO D 199 -23.72 8.34 30.97
C PRO D 199 -24.50 8.62 32.26
N SER D 200 -24.31 7.79 33.29
CA SER D 200 -25.00 8.02 34.55
C SER D 200 -24.05 8.64 35.58
N ASN D 201 -22.80 8.82 35.18
CA ASN D 201 -21.76 9.36 36.05
C ASN D 201 -21.56 8.53 37.32
N THR D 202 -21.70 7.22 37.19
CA THR D 202 -21.55 6.31 38.32
C THR D 202 -20.54 5.19 38.04
N LYS D 203 -19.82 4.77 39.07
CA LYS D 203 -18.91 3.65 38.93
C LYS D 203 -19.06 2.65 40.08
N VAL D 204 -18.90 1.37 39.77
CA VAL D 204 -19.07 0.30 40.75
C VAL D 204 -17.95 -0.73 40.66
N ASP D 205 -17.25 -0.95 41.77
CA ASP D 205 -16.26 -2.02 41.86
C ASP D 205 -16.86 -3.20 42.62
N LYS D 206 -16.61 -4.41 42.15
CA LYS D 206 -17.20 -5.59 42.78
C LYS D 206 -16.26 -6.78 42.90
N LYS D 207 -16.04 -7.23 44.13
CA LYS D 207 -15.21 -8.40 44.38
C LYS D 207 -15.93 -9.68 43.95
N VAL D 208 -15.31 -10.45 43.06
CA VAL D 208 -15.88 -11.72 42.63
C VAL D 208 -15.35 -12.85 43.50
N GLU D 209 -16.21 -13.40 44.35
CA GLU D 209 -15.82 -14.39 45.33
C GLU D 209 -16.14 -15.81 44.91
N PRO D 210 -15.15 -16.72 45.02
CA PRO D 210 -15.32 -18.15 44.71
C PRO D 210 -16.22 -18.83 45.74
N LYS D 211 -17.06 -19.75 45.29
CA LYS D 211 -17.97 -20.47 46.18
C LYS D 211 -18.12 -21.94 45.81
N SER D 212 -18.87 -22.67 46.62
CA SER D 212 -19.17 -24.09 46.38
C SER D 212 -20.22 -24.58 47.36
N CYS D 213 -20.93 -25.65 46.99
CA CYS D 213 -21.92 -26.26 47.86
C CYS D 213 -22.22 -27.70 47.44
C1 GOL E . 14.25 9.27 -15.31
O1 GOL E . 14.30 8.82 -13.98
C2 GOL E . 13.71 10.70 -15.35
O2 GOL E . 12.59 10.81 -14.51
C3 GOL E . 14.80 11.66 -14.90
O3 GOL E . 15.28 11.30 -13.62
C1 GOL F . -19.63 3.26 13.10
O1 GOL F . -20.25 2.65 11.99
C2 GOL F . -18.61 2.31 13.71
O2 GOL F . -18.42 1.21 12.86
C3 GOL F . -17.29 3.04 13.87
O3 GOL F . -16.81 3.43 12.60
#